data_3LAO
#
_entry.id   3LAO
#
_cell.length_a   49.362
_cell.length_b   101.616
_cell.length_c   141.536
_cell.angle_alpha   90.00
_cell.angle_beta   90.00
_cell.angle_gamma   90.00
#
_symmetry.space_group_name_H-M   'P 21 21 21'
#
loop_
_entity.id
_entity.type
_entity.pdbx_description
1 polymer 'enoyl-CoA hydratase/isomerase'
2 non-polymer GLYCEROL
3 water water
#
_entity_poly.entity_id   1
_entity_poly.type   'polypeptide(L)'
_entity_poly.pdbx_seq_one_letter_code
;SNA(MSE)SEANSGPGRVTREQRGHLFLIGLDRAGKRNAFDSA(MSE)LADLALA(MSE)GEYERSEESRCAVLFAHGEH
FTAGLDL(MSE)ELAPKLAASGFRYPDGGVDPWGVVQPRRSKPLVVAVQGTCWTAGIEL(MSE)LNADIAVAARGTRFAH
LEVLRGIPPLGGSTVRFPRAAGWTDA(MSE)RYILTGDEFDADEALR(MSE)RLLTEVVEPGEELARALEYAERIARAAP
LAVRAALQSAFQGRDEGDDAALSRVNESLAALIGSEDVREGVLA(MSE)V
;
_entity_poly.pdbx_strand_id   A,B,C
#
# COMPACT_ATOMS: atom_id res chain seq x y z
N SER A 5 23.76 35.99 -15.54
CA SER A 5 23.28 34.67 -15.14
C SER A 5 23.36 34.44 -13.63
N GLU A 6 22.45 33.59 -13.12
CA GLU A 6 22.53 33.07 -11.76
C GLU A 6 22.50 31.54 -11.78
N ALA A 7 21.95 30.94 -12.85
CA ALA A 7 22.05 29.50 -13.04
C ALA A 7 23.52 29.03 -12.96
N ASN A 8 23.79 28.05 -12.09
CA ASN A 8 25.13 27.54 -11.89
C ASN A 8 25.46 26.37 -12.84
N SER A 9 26.44 26.57 -13.71
CA SER A 9 26.83 25.52 -14.65
C SER A 9 28.13 24.86 -14.19
N GLY A 10 28.58 25.22 -13.00
CA GLY A 10 29.76 24.60 -12.49
C GLY A 10 29.43 23.39 -11.64
N PRO A 11 30.38 23.01 -10.82
CA PRO A 11 30.17 21.84 -9.98
C PRO A 11 28.93 22.06 -9.14
N GLY A 12 28.19 21.00 -8.88
CA GLY A 12 26.98 21.12 -8.08
C GLY A 12 27.22 21.50 -6.63
N ARG A 13 26.16 22.03 -6.03
CA ARG A 13 26.14 22.46 -4.63
C ARG A 13 24.67 22.68 -4.24
N VAL A 14 24.44 23.03 -2.98
CA VAL A 14 23.10 23.11 -2.43
C VAL A 14 23.06 24.43 -1.63
N THR A 15 21.99 25.21 -1.74
CA THR A 15 21.81 26.32 -0.84
C THR A 15 21.14 25.92 0.48
N ARG A 16 21.47 26.69 1.51
CA ARG A 16 20.94 26.48 2.86
C ARG A 16 20.40 27.80 3.42
N GLU A 17 19.16 27.78 3.90
CA GLU A 17 18.51 28.93 4.51
C GLU A 17 17.67 28.43 5.70
N GLN A 18 17.96 28.95 6.89
CA GLN A 18 17.08 28.80 8.05
C GLN A 18 16.01 29.89 8.02
N ARG A 19 14.73 29.48 7.96
CA ARG A 19 13.59 30.36 8.08
C ARG A 19 12.76 29.97 9.29
N GLY A 20 13.14 30.47 10.44
CA GLY A 20 12.42 30.14 11.64
C GLY A 20 12.64 28.68 11.91
N HIS A 21 11.56 27.91 11.93
CA HIS A 21 11.68 26.52 12.27
C HIS A 21 11.88 25.65 11.06
N LEU A 22 11.96 26.30 9.89
CA LEU A 22 12.11 25.60 8.62
C LEU A 22 13.57 25.70 8.16
N PHE A 23 14.04 24.62 7.55
CA PHE A 23 15.39 24.54 7.01
C PHE A 23 15.23 24.21 5.51
N LEU A 24 15.55 25.21 4.68
CA LEU A 24 15.34 25.13 3.22
C LEU A 24 16.62 24.68 2.54
N ILE A 25 16.51 23.69 1.66
CA ILE A 25 17.67 23.16 0.99
C ILE A 25 17.35 23.23 -0.49
N GLY A 26 18.08 24.06 -1.24
CA GLY A 26 17.88 24.18 -2.69
C GLY A 26 18.96 23.55 -3.56
N LEU A 27 18.58 22.66 -4.48
CA LEU A 27 19.55 22.10 -5.42
C LEU A 27 20.02 23.23 -6.35
N ASP A 28 21.32 23.50 -6.36
CA ASP A 28 21.88 24.70 -7.01
C ASP A 28 22.83 24.43 -8.19
N ARG A 29 22.29 23.85 -9.25
CA ARG A 29 23.11 23.57 -10.41
C ARG A 29 22.22 23.64 -11.66
N ALA A 30 21.49 24.74 -11.72
CA ALA A 30 20.45 24.85 -12.74
C ALA A 30 20.95 24.84 -14.18
N GLY A 31 22.18 25.33 -14.38
CA GLY A 31 22.81 25.35 -15.70
C GLY A 31 23.06 23.95 -16.21
N LYS A 32 22.98 22.95 -15.33
CA LYS A 32 23.07 21.53 -15.76
C LYS A 32 21.76 20.75 -15.46
N ARG A 33 20.64 21.48 -15.41
CA ARG A 33 19.36 20.92 -15.01
C ARG A 33 19.48 20.02 -13.81
N ASN A 34 20.37 20.42 -12.91
CA ASN A 34 20.51 19.75 -11.62
C ASN A 34 20.87 18.28 -11.70
N ALA A 35 21.64 17.93 -12.72
CA ALA A 35 22.22 16.60 -12.75
C ALA A 35 23.20 16.53 -11.57
N PHE A 36 23.07 15.47 -10.78
CA PHE A 36 23.89 15.27 -9.58
C PHE A 36 25.31 14.77 -9.81
N ASP A 37 26.31 15.59 -9.54
CA ASP A 37 27.73 15.14 -9.55
C ASP A 37 28.12 14.86 -8.12
N SER A 38 29.36 14.44 -7.93
CA SER A 38 29.80 14.05 -6.59
C SER A 38 29.74 15.23 -5.60
N ALA A 39 29.92 16.45 -6.13
CA ALA A 39 29.92 17.65 -5.29
C ALA A 39 28.53 17.86 -4.72
N LEU A 41 26.09 15.58 -4.61
CA LEU A 41 25.67 14.51 -3.71
C LEU A 41 26.26 14.72 -2.31
N ALA A 42 27.57 15.05 -2.23
CA ALA A 42 28.17 15.33 -0.92
C ALA A 42 27.46 16.50 -0.21
N ASP A 43 27.24 17.59 -0.92
CA ASP A 43 26.68 18.77 -0.28
C ASP A 43 25.24 18.57 0.22
N LEU A 44 24.43 17.85 -0.58
CA LEU A 44 23.06 17.53 -0.19
C LEU A 44 23.02 16.64 1.05
N ALA A 45 23.95 15.69 1.14
CA ALA A 45 23.97 14.80 2.31
C ALA A 45 24.35 15.59 3.58
N LEU A 46 25.40 16.42 3.44
CA LEU A 46 25.83 17.30 4.51
C LEU A 46 24.72 18.23 5.00
N ALA A 47 24.02 18.86 4.06
CA ALA A 47 22.92 19.77 4.46
C ALA A 47 21.80 19.01 5.25
N GLY A 49 22.38 16.32 7.00
CA GLY A 49 22.99 16.13 8.31
C GLY A 49 22.84 17.35 9.19
N GLU A 50 23.07 18.53 8.63
CA GLU A 50 22.99 19.75 9.42
C GLU A 50 21.58 19.93 9.92
N TYR A 51 20.62 19.52 9.11
CA TYR A 51 19.20 19.64 9.44
C TYR A 51 18.89 18.78 10.63
N GLU A 52 19.46 17.59 10.61
CA GLU A 52 19.22 16.58 11.63
C GLU A 52 19.72 17.09 13.01
N ARG A 53 20.86 17.74 13.03
CA ARG A 53 21.47 18.15 14.28
C ARG A 53 21.03 19.57 14.71
N SER A 54 20.28 20.27 13.85
CA SER A 54 19.77 21.60 14.14
C SER A 54 18.52 21.56 15.04
N GLU A 55 18.64 22.01 16.29
CA GLU A 55 17.59 21.79 17.30
C GLU A 55 16.39 22.65 17.02
N GLU A 56 16.64 23.81 16.42
CA GLU A 56 15.60 24.73 16.01
C GLU A 56 14.88 24.31 14.74
N SER A 57 15.50 23.52 13.89
CA SER A 57 14.78 23.16 12.66
C SER A 57 13.80 22.03 12.91
N ARG A 58 12.53 22.32 12.62
CA ARG A 58 11.45 21.40 12.88
C ARG A 58 10.93 20.72 11.63
N CYS A 59 11.27 21.24 10.45
CA CYS A 59 10.90 20.63 9.17
C CYS A 59 11.82 21.14 8.10
N ALA A 60 12.24 20.26 7.19
CA ALA A 60 13.09 20.70 6.09
C ALA A 60 12.27 20.82 4.84
N VAL A 61 12.69 21.71 3.94
CA VAL A 61 12.04 21.77 2.64
C VAL A 61 13.16 21.65 1.62
N LEU A 62 13.04 20.64 0.76
CA LEU A 62 13.91 20.43 -0.37
C LEU A 62 13.28 20.88 -1.71
N PHE A 63 14.05 21.66 -2.47
CA PHE A 63 13.54 22.24 -3.70
C PHE A 63 14.68 22.39 -4.65
N ALA A 64 14.39 22.75 -5.89
CA ALA A 64 15.44 22.96 -6.89
C ALA A 64 15.41 24.39 -7.46
N HIS A 65 16.57 25.03 -7.56
CA HIS A 65 16.66 26.29 -8.30
C HIS A 65 16.51 26.03 -9.79
N GLY A 66 15.94 26.98 -10.51
CA GLY A 66 15.71 26.86 -11.94
C GLY A 66 14.38 26.22 -12.31
N GLU A 67 14.31 25.75 -13.54
CA GLU A 67 13.09 25.20 -14.12
C GLU A 67 12.99 23.66 -14.01
N HIS A 68 14.03 23.03 -13.47
CA HIS A 68 14.10 21.58 -13.44
C HIS A 68 14.58 21.08 -12.12
N PHE A 69 13.84 20.13 -11.57
CA PHE A 69 14.20 19.52 -10.32
C PHE A 69 15.51 18.73 -10.44
N THR A 70 15.58 17.79 -11.38
CA THR A 70 16.82 17.07 -11.69
C THR A 70 16.79 16.23 -12.97
N ALA A 71 17.88 16.27 -13.72
CA ALA A 71 17.96 15.54 -14.96
C ALA A 71 18.75 14.24 -14.70
N GLY A 72 18.85 13.86 -13.44
CA GLY A 72 19.42 12.58 -13.07
C GLY A 72 20.85 12.70 -12.59
N LEU A 73 21.63 11.63 -12.74
CA LEU A 73 22.99 11.63 -12.25
C LEU A 73 23.89 12.20 -13.34
N ASP A 74 24.96 12.88 -12.95
CA ASP A 74 26.07 13.22 -13.87
C ASP A 74 27.07 12.07 -13.93
N LEU A 75 26.70 11.00 -14.62
CA LEU A 75 27.49 9.75 -14.67
C LEU A 75 28.90 9.93 -15.24
N GLU A 77 30.87 12.56 -14.70
CA GLU A 77 31.68 13.05 -13.62
C GLU A 77 31.75 12.05 -12.49
N LEU A 78 30.68 11.31 -12.25
CA LEU A 78 30.65 10.37 -11.13
C LEU A 78 31.56 9.19 -11.36
N ALA A 79 31.45 8.57 -12.52
CA ALA A 79 32.12 7.29 -12.78
C ALA A 79 33.53 7.18 -12.19
N PRO A 80 34.41 8.13 -12.57
CA PRO A 80 35.82 8.11 -12.14
C PRO A 80 35.97 8.13 -10.63
N LYS A 81 34.96 8.67 -9.94
CA LYS A 81 35.06 8.92 -8.50
C LYS A 81 34.36 7.88 -7.61
N LEU A 82 33.81 6.80 -8.17
CA LEU A 82 33.28 5.77 -7.27
C LEU A 82 34.39 4.77 -7.02
N ALA A 83 34.48 4.30 -5.78
CA ALA A 83 35.39 3.22 -5.47
C ALA A 83 34.71 1.90 -5.83
N ALA A 84 35.52 0.85 -6.00
CA ALA A 84 34.98 -0.46 -6.33
C ALA A 84 33.82 -0.80 -5.36
N SER A 85 33.97 -0.38 -4.10
CA SER A 85 33.00 -0.63 -3.04
C SER A 85 31.71 0.23 -3.07
N GLY A 86 31.61 1.21 -3.96
CA GLY A 86 30.41 2.03 -4.10
C GLY A 86 30.59 3.51 -3.81
N PHE A 87 29.49 4.28 -3.86
CA PHE A 87 29.51 5.70 -3.49
C PHE A 87 29.39 5.86 -1.98
N ARG A 88 30.24 6.70 -1.39
CA ARG A 88 30.21 6.92 0.06
C ARG A 88 29.92 8.35 0.46
N TYR A 89 28.95 8.54 1.36
CA TYR A 89 28.53 9.88 1.72
C TYR A 89 29.50 10.41 2.73
N PRO A 90 29.64 11.73 2.77
CA PRO A 90 30.61 12.33 3.68
C PRO A 90 30.24 12.05 5.12
N ASP A 91 31.22 11.90 5.98
CA ASP A 91 30.94 11.83 7.40
C ASP A 91 30.12 13.06 7.79
N GLY A 92 29.08 12.85 8.59
CA GLY A 92 28.26 13.96 9.05
C GLY A 92 27.04 14.09 8.16
N GLY A 93 27.07 13.39 7.03
CA GLY A 93 25.96 13.40 6.09
C GLY A 93 24.80 12.50 6.47
N VAL A 94 23.66 12.73 5.85
CA VAL A 94 22.56 11.78 5.93
C VAL A 94 22.24 11.45 4.50
N ASP A 95 21.97 10.18 4.22
CA ASP A 95 21.66 9.74 2.85
C ASP A 95 20.36 10.35 2.37
N PRO A 96 20.43 11.19 1.32
CA PRO A 96 19.23 11.87 0.84
C PRO A 96 18.22 10.93 0.20
N TRP A 97 18.64 9.70 -0.14
CA TRP A 97 17.75 8.69 -0.74
C TRP A 97 17.23 7.70 0.32
N GLY A 98 17.75 7.79 1.53
CA GLY A 98 17.17 7.09 2.65
C GLY A 98 17.36 5.59 2.59
N VAL A 99 18.52 5.18 2.09
CA VAL A 99 18.90 3.79 2.01
C VAL A 99 19.91 3.46 3.09
N VAL A 100 20.93 4.30 3.22
CA VAL A 100 22.08 4.03 4.06
C VAL A 100 21.86 4.67 5.43
N GLN A 101 22.28 4.03 6.53
CA GLN A 101 22.16 4.69 7.85
C GLN A 101 23.27 5.73 8.02
N PRO A 102 23.04 6.79 8.86
CA PRO A 102 21.85 7.08 9.68
C PRO A 102 20.63 7.58 8.87
N ARG A 103 19.45 7.21 9.36
CA ARG A 103 18.17 7.59 8.77
C ARG A 103 17.80 8.98 9.31
N ARG A 104 17.19 9.83 8.48
CA ARG A 104 16.73 11.13 9.01
C ARG A 104 15.70 10.84 10.14
N SER A 105 15.52 11.74 11.12
CA SER A 105 14.55 11.47 12.15
C SER A 105 13.54 12.61 12.30
N LYS A 106 13.60 13.53 11.34
CA LYS A 106 12.75 14.71 11.32
C LYS A 106 12.11 14.84 9.93
N PRO A 107 10.98 15.56 9.84
CA PRO A 107 10.16 15.56 8.62
C PRO A 107 10.86 16.24 7.46
N LEU A 108 10.35 15.96 6.26
CA LEU A 108 10.90 16.53 5.07
C LEU A 108 9.77 16.79 4.06
N VAL A 109 9.77 17.98 3.47
CA VAL A 109 8.82 18.31 2.43
C VAL A 109 9.61 18.57 1.15
N VAL A 110 9.06 18.19 0.00
CA VAL A 110 9.79 18.35 -1.25
C VAL A 110 8.92 18.94 -2.34
N ALA A 111 9.50 19.85 -3.12
CA ALA A 111 8.83 20.53 -4.20
C ALA A 111 9.58 20.17 -5.45
N VAL A 112 8.89 19.70 -6.48
CA VAL A 112 9.58 19.30 -7.70
C VAL A 112 8.90 19.97 -8.86
N GLN A 113 9.68 20.31 -9.90
CA GLN A 113 9.15 20.92 -11.12
C GLN A 113 9.94 20.53 -12.35
N GLY A 114 9.30 20.68 -13.52
CA GLY A 114 9.92 20.48 -14.81
C GLY A 114 10.34 19.03 -15.05
N THR A 115 11.64 18.79 -14.97
CA THR A 115 12.21 17.49 -15.22
C THR A 115 12.63 16.79 -13.93
N CYS A 116 12.26 15.54 -13.81
CA CYS A 116 12.62 14.71 -12.68
C CYS A 116 13.01 13.33 -13.18
N TRP A 117 14.14 13.23 -13.85
CA TRP A 117 14.62 11.96 -14.38
C TRP A 117 15.25 11.15 -13.27
N THR A 118 15.10 9.84 -13.36
CA THR A 118 16.01 8.90 -12.72
C THR A 118 16.08 8.98 -11.20
N ALA A 119 17.25 9.31 -10.67
CA ALA A 119 17.47 9.36 -9.24
C ALA A 119 16.55 10.35 -8.58
N GLY A 120 16.02 11.26 -9.39
CA GLY A 120 15.04 12.22 -8.94
C GLY A 120 13.81 11.59 -8.29
N ILE A 121 13.32 10.51 -8.89
CA ILE A 121 12.06 9.92 -8.45
C ILE A 121 12.20 9.42 -7.02
N GLU A 122 13.23 8.61 -6.77
CA GLU A 122 13.49 8.08 -5.44
C GLU A 122 13.78 9.18 -4.40
N LEU A 123 14.46 10.22 -4.84
CA LEU A 123 14.79 11.35 -3.98
C LEU A 123 13.48 11.94 -3.50
N LEU A 125 10.44 10.36 -3.51
CA LEU A 125 9.71 9.38 -2.71
C LEU A 125 10.28 9.33 -1.28
N ASN A 126 11.50 9.83 -1.08
CA ASN A 126 12.04 9.75 0.26
C ASN A 126 11.47 10.84 1.20
N ALA A 127 10.67 11.77 0.67
CA ALA A 127 10.01 12.80 1.48
C ALA A 127 8.70 12.32 2.13
N ASP A 128 8.18 13.16 3.04
CA ASP A 128 6.93 12.91 3.74
C ASP A 128 5.77 13.61 3.07
N ILE A 129 6.07 14.73 2.39
CA ILE A 129 5.09 15.48 1.62
C ILE A 129 5.71 15.98 0.34
N ALA A 130 5.05 15.67 -0.78
CA ALA A 130 5.58 16.03 -2.09
C ALA A 130 4.55 16.87 -2.87
N VAL A 131 4.98 17.99 -3.44
CA VAL A 131 4.14 18.84 -4.28
C VAL A 131 4.87 19.01 -5.63
N ALA A 132 4.12 18.97 -6.73
CA ALA A 132 4.77 19.19 -8.02
C ALA A 132 4.11 20.28 -8.82
N ALA A 133 4.90 20.96 -9.63
CA ALA A 133 4.33 21.91 -10.57
C ALA A 133 3.62 21.09 -11.63
N ARG A 134 2.50 21.59 -12.12
CA ARG A 134 1.77 20.87 -13.16
C ARG A 134 2.66 20.76 -14.38
N GLY A 135 2.69 19.61 -15.01
CA GLY A 135 3.52 19.41 -16.20
C GLY A 135 4.93 18.90 -15.93
N THR A 136 5.31 18.78 -14.66
CA THR A 136 6.52 18.02 -14.30
C THR A 136 6.51 16.60 -14.93
N ARG A 137 7.68 16.17 -15.41
CA ARG A 137 7.85 14.89 -16.09
C ARG A 137 8.81 13.95 -15.34
N PHE A 138 8.36 12.71 -15.12
CA PHE A 138 9.11 11.74 -14.34
C PHE A 138 9.42 10.56 -15.23
N ALA A 139 10.60 9.97 -15.07
CA ALA A 139 10.85 8.75 -15.80
C ALA A 139 12.02 8.01 -15.22
N HIS A 140 11.89 6.70 -15.09
CA HIS A 140 13.01 5.83 -14.78
C HIS A 140 13.77 5.43 -16.05
N LEU A 141 14.23 6.43 -16.80
CA LEU A 141 15.05 6.19 -17.99
C LEU A 141 16.20 5.20 -17.76
N GLU A 142 16.73 5.11 -16.54
CA GLU A 142 17.86 4.20 -16.30
C GLU A 142 17.58 2.71 -16.55
N VAL A 143 16.34 2.22 -16.37
CA VAL A 143 16.11 0.81 -16.67
C VAL A 143 16.43 0.49 -18.11
N LEU A 144 16.49 1.53 -18.98
CA LEU A 144 16.87 1.34 -20.39
C LEU A 144 18.39 1.17 -20.57
N ARG A 145 19.15 1.50 -19.54
CA ARG A 145 20.58 1.59 -19.71
C ARG A 145 21.32 0.51 -18.95
N GLY A 146 21.06 0.41 -17.66
CA GLY A 146 21.80 -0.51 -16.80
C GLY A 146 21.53 -0.04 -15.38
N ILE A 147 22.01 -0.80 -14.41
CA ILE A 147 21.80 -0.51 -13.00
C ILE A 147 22.58 0.73 -12.60
N PRO A 148 21.91 1.66 -11.93
CA PRO A 148 22.64 2.89 -11.63
C PRO A 148 23.41 2.72 -10.35
N PRO A 149 24.44 3.56 -10.16
CA PRO A 149 25.37 3.70 -9.03
C PRO A 149 24.65 4.04 -7.73
N LEU A 150 23.58 4.83 -7.83
CA LEU A 150 22.74 5.12 -6.68
C LEU A 150 21.42 5.70 -7.12
N GLY A 151 20.52 5.88 -6.18
CA GLY A 151 19.22 6.40 -6.52
C GLY A 151 18.30 5.47 -7.31
N GLY A 152 18.60 4.16 -7.34
CA GLY A 152 17.77 3.19 -8.08
C GLY A 152 16.45 3.00 -7.40
N SER A 153 15.45 2.43 -8.09
CA SER A 153 14.11 2.27 -7.49
C SER A 153 14.04 1.30 -6.31
N THR A 154 13.06 1.49 -5.45
CA THR A 154 12.95 0.70 -4.23
C THR A 154 11.53 0.23 -4.13
N VAL A 155 11.10 -0.13 -2.94
CA VAL A 155 9.72 -0.51 -2.67
C VAL A 155 8.78 0.67 -2.52
N ARG A 156 9.32 1.87 -2.41
CA ARG A 156 8.47 3.02 -2.11
C ARG A 156 7.47 3.30 -3.21
N PHE A 157 7.85 3.02 -4.47
CA PHE A 157 6.93 3.29 -5.59
C PHE A 157 5.74 2.28 -5.56
N PRO A 158 6.01 0.95 -5.55
CA PRO A 158 4.95 -0.05 -5.42
C PRO A 158 4.08 0.20 -4.20
N ARG A 159 4.67 0.56 -3.05
CA ARG A 159 3.89 0.76 -1.82
C ARG A 159 2.82 1.83 -1.95
N ALA A 160 3.19 2.91 -2.64
CA ALA A 160 2.34 4.06 -2.89
C ALA A 160 1.33 3.79 -3.98
N ALA A 161 1.84 3.36 -5.15
CA ALA A 161 1.01 3.24 -6.36
C ALA A 161 0.32 1.88 -6.54
N GLY A 162 0.67 0.95 -5.67
CA GLY A 162 0.29 -0.43 -5.90
C GLY A 162 1.28 -1.03 -6.91
N TRP A 163 1.37 -2.37 -6.89
CA TRP A 163 2.37 -3.12 -7.63
C TRP A 163 2.31 -2.88 -9.13
N THR A 164 1.16 -3.15 -9.75
CA THR A 164 1.10 -3.08 -11.20
C THR A 164 1.33 -1.66 -11.76
N ASP A 165 0.71 -0.62 -11.22
CA ASP A 165 1.02 0.72 -11.74
C ASP A 165 2.48 1.08 -11.57
N ALA A 166 3.08 0.68 -10.46
CA ALA A 166 4.49 0.97 -10.29
C ALA A 166 5.31 0.23 -11.35
N ARG A 168 4.45 -0.74 -14.19
N ARG A 168 4.45 -0.75 -14.21
CA ARG A 168 4.17 -0.21 -15.52
CA ARG A 168 4.21 -0.27 -15.57
C ARG A 168 5.28 0.79 -15.91
C ARG A 168 5.24 0.84 -15.94
N TYR A 169 5.78 1.53 -14.93
CA TYR A 169 6.77 2.59 -15.18
C TYR A 169 8.22 2.21 -14.81
N ILE A 170 8.39 1.43 -13.76
CA ILE A 170 9.69 1.02 -13.30
C ILE A 170 10.40 0.08 -14.31
N LEU A 171 9.66 -0.84 -14.91
CA LEU A 171 10.26 -1.79 -15.86
C LEU A 171 10.31 -1.31 -17.32
N THR A 172 9.67 -0.19 -17.64
CA THR A 172 9.69 0.33 -19.04
C THR A 172 10.51 1.60 -19.18
N GLY A 173 10.63 2.35 -18.07
CA GLY A 173 11.23 3.67 -18.12
C GLY A 173 10.41 4.73 -18.85
N ASP A 174 9.11 4.48 -19.07
CA ASP A 174 8.27 5.46 -19.77
C ASP A 174 8.01 6.68 -18.90
N GLU A 175 7.90 7.83 -19.56
CA GLU A 175 7.52 9.10 -18.93
C GLU A 175 6.12 9.09 -18.35
N PHE A 176 5.98 9.72 -17.18
CA PHE A 176 4.66 10.04 -16.69
C PHE A 176 4.71 11.45 -16.15
N ASP A 177 3.59 12.14 -16.19
CA ASP A 177 3.55 13.50 -15.74
C ASP A 177 2.98 13.59 -14.30
N ALA A 178 2.95 14.81 -13.77
CA ALA A 178 2.50 15.08 -12.42
C ALA A 178 1.07 14.62 -12.11
N ASP A 179 0.15 14.69 -13.07
CA ASP A 179 -1.21 14.23 -12.81
C ASP A 179 -1.25 12.70 -12.62
N GLU A 180 -0.46 12.02 -13.42
CA GLU A 180 -0.37 10.59 -13.31
C GLU A 180 0.23 10.28 -11.94
N ALA A 181 1.27 11.03 -11.54
CA ALA A 181 1.91 10.78 -10.26
C ALA A 181 1.01 11.00 -9.06
N LEU A 182 0.21 12.09 -9.10
CA LEU A 182 -0.88 12.33 -8.15
C LEU A 182 -1.87 11.15 -8.18
N ARG A 183 -2.33 10.75 -9.36
CA ARG A 183 -3.33 9.65 -9.44
C ARG A 183 -2.76 8.41 -8.73
N ARG A 185 -0.72 8.41 -6.15
CA ARG A 185 -0.47 8.64 -4.73
C ARG A 185 0.99 8.93 -4.41
N LEU A 186 1.78 9.34 -5.40
CA LEU A 186 3.15 9.74 -5.15
C LEU A 186 3.22 11.20 -4.70
N LEU A 187 2.18 11.98 -4.96
CA LEU A 187 2.19 13.40 -4.63
C LEU A 187 0.96 13.70 -3.79
N THR A 188 1.10 14.68 -2.91
CA THR A 188 -0.01 15.20 -2.15
C THR A 188 -0.75 16.14 -3.09
N GLU A 189 -0.04 16.91 -3.92
CA GLU A 189 -0.73 17.98 -4.68
C GLU A 189 0.00 18.40 -5.96
N VAL A 190 -0.76 18.77 -6.98
CA VAL A 190 -0.23 19.39 -8.17
C VAL A 190 -0.74 20.81 -8.23
N VAL A 191 0.16 21.77 -8.39
CA VAL A 191 -0.20 23.18 -8.46
C VAL A 191 0.35 23.79 -9.73
N GLU A 192 0.01 25.04 -9.98
CA GLU A 192 0.54 25.75 -11.14
C GLU A 192 2.04 26.04 -11.07
N PRO A 193 2.70 25.98 -12.22
CA PRO A 193 4.15 26.21 -12.29
C PRO A 193 4.47 27.53 -11.63
N GLY A 194 5.51 27.57 -10.78
CA GLY A 194 5.82 28.75 -10.00
C GLY A 194 5.20 28.73 -8.62
N GLU A 195 4.27 27.80 -8.35
CA GLU A 195 3.63 27.78 -7.04
C GLU A 195 4.17 26.69 -6.10
N GLU A 196 4.93 25.73 -6.62
CA GLU A 196 5.35 24.56 -5.82
C GLU A 196 6.11 24.88 -4.54
N LEU A 197 7.09 25.76 -4.63
CA LEU A 197 7.88 26.15 -3.44
C LEU A 197 6.99 26.76 -2.38
N ALA A 198 6.08 27.61 -2.79
CA ALA A 198 5.23 28.30 -1.85
C ALA A 198 4.28 27.31 -1.18
N ARG A 199 3.63 26.48 -2.00
CA ARG A 199 2.74 25.46 -1.45
C ARG A 199 3.51 24.50 -0.52
N ALA A 200 4.71 24.11 -0.91
CA ALA A 200 5.53 23.24 -0.05
C ALA A 200 5.83 23.87 1.30
N LEU A 201 6.18 25.15 1.30
CA LEU A 201 6.34 25.92 2.54
C LEU A 201 5.06 25.99 3.41
N GLU A 202 3.88 26.07 2.80
CA GLU A 202 2.66 26.00 3.61
C GLU A 202 2.57 24.68 4.39
N TYR A 203 2.90 23.56 3.73
CA TYR A 203 2.90 22.28 4.40
C TYR A 203 3.96 22.22 5.47
N ALA A 204 5.16 22.71 5.16
CA ALA A 204 6.25 22.64 6.13
C ALA A 204 5.92 23.47 7.37
N GLU A 205 5.28 24.61 7.17
CA GLU A 205 4.86 25.46 8.30
C GLU A 205 3.84 24.75 9.22
N ARG A 206 2.80 24.11 8.67
CA ARG A 206 1.86 23.29 9.49
C ARG A 206 2.59 22.21 10.31
N ILE A 207 3.50 21.47 9.70
CA ILE A 207 4.27 20.48 10.44
C ILE A 207 5.05 21.17 11.54
N ALA A 208 5.67 22.30 11.23
CA ALA A 208 6.45 23.05 12.21
C ALA A 208 5.60 23.58 13.34
N ARG A 209 4.29 23.72 13.12
CA ARG A 209 3.33 24.25 14.11
C ARG A 209 3.00 23.18 15.16
N ALA A 210 2.98 21.91 14.74
CA ALA A 210 2.83 20.77 15.62
C ALA A 210 4.00 20.61 16.61
N ALA A 211 3.82 19.76 17.61
CA ALA A 211 4.70 19.69 18.77
C ALA A 211 5.81 18.70 18.49
N PRO A 212 7.03 19.21 18.39
CA PRO A 212 8.25 18.56 17.87
C PRO A 212 8.51 17.12 18.36
N LEU A 213 8.29 16.87 19.64
CA LEU A 213 8.50 15.55 20.18
C LEU A 213 7.41 14.59 19.73
N ALA A 214 6.19 15.12 19.57
CA ALA A 214 5.08 14.32 19.04
C ALA A 214 5.32 13.91 17.56
N VAL A 215 5.51 14.90 16.69
CA VAL A 215 5.94 14.71 15.31
C VAL A 215 7.10 13.71 15.09
N ARG A 216 8.11 13.75 15.95
CA ARG A 216 9.23 12.80 15.86
C ARG A 216 8.79 11.40 16.27
N ALA A 217 8.01 11.32 17.35
CA ALA A 217 7.47 10.05 17.78
C ALA A 217 6.61 9.45 16.66
N ALA A 218 5.79 10.31 16.04
CA ALA A 218 4.92 9.87 14.93
C ALA A 218 5.74 9.33 13.76
N LEU A 219 6.78 10.05 13.34
CA LEU A 219 7.72 9.56 12.31
C LEU A 219 8.43 8.26 12.67
N GLN A 220 8.98 8.18 13.89
CA GLN A 220 9.68 6.96 14.28
C GLN A 220 8.75 5.77 14.13
N SER A 221 7.53 5.96 14.64
CA SER A 221 6.50 4.92 14.62
C SER A 221 6.27 4.44 13.19
N ALA A 222 6.04 5.40 12.28
CA ALA A 222 5.74 5.10 10.89
C ALA A 222 6.94 4.46 10.18
N PHE A 223 8.15 4.92 10.52
CA PHE A 223 9.37 4.37 9.93
C PHE A 223 9.49 2.90 10.30
N GLN A 224 9.07 2.56 11.52
CA GLN A 224 9.07 1.16 11.93
C GLN A 224 7.92 0.35 11.31
N GLY A 225 6.88 1.02 10.88
CA GLY A 225 5.83 0.33 10.16
C GLY A 225 6.37 -0.26 8.87
N ARG A 226 7.16 0.55 8.16
CA ARG A 226 7.69 0.18 6.85
C ARG A 226 9.19 -0.22 6.89
N ASP A 227 9.58 -1.13 7.77
CA ASP A 227 10.99 -1.53 7.89
C ASP A 227 11.21 -2.76 8.76
N GLU B 6 -9.75 -28.24 -31.20
CA GLU B 6 -9.30 -27.01 -30.57
C GLU B 6 -9.35 -27.06 -29.05
N ALA B 7 -10.56 -27.14 -28.48
CA ALA B 7 -10.72 -27.07 -27.03
C ALA B 7 -10.50 -28.41 -26.32
N ASN B 8 -9.67 -28.40 -25.29
CA ASN B 8 -9.23 -29.56 -24.54
C ASN B 8 -10.10 -29.71 -23.30
N SER B 9 -10.72 -30.88 -23.16
CA SER B 9 -11.59 -31.16 -22.02
C SER B 9 -10.99 -32.26 -21.19
N GLY B 10 -9.82 -32.72 -21.59
CA GLY B 10 -9.08 -33.67 -20.80
C GLY B 10 -8.14 -33.04 -19.77
N PRO B 11 -7.07 -33.75 -19.45
CA PRO B 11 -6.12 -33.28 -18.42
C PRO B 11 -5.55 -31.94 -18.84
N GLY B 12 -5.36 -31.07 -17.85
CA GLY B 12 -4.88 -29.72 -18.10
C GLY B 12 -3.46 -29.71 -18.61
N ARG B 13 -3.13 -28.66 -19.36
CA ARG B 13 -1.78 -28.48 -19.85
C ARG B 13 -1.60 -27.03 -20.32
N VAL B 14 -0.41 -26.69 -20.75
CA VAL B 14 -0.11 -25.30 -21.02
C VAL B 14 0.62 -25.19 -22.37
N THR B 15 0.24 -24.24 -23.22
CA THR B 15 1.05 -24.02 -24.42
C THR B 15 2.26 -23.14 -24.12
N ARG B 16 3.31 -23.31 -24.89
CA ARG B 16 4.53 -22.52 -24.73
C ARG B 16 4.99 -22.02 -26.08
N GLU B 17 5.39 -20.75 -26.14
CA GLU B 17 5.95 -20.22 -27.39
C GLU B 17 6.98 -19.14 -27.12
N GLN B 18 8.12 -19.26 -27.80
CA GLN B 18 9.13 -18.22 -27.79
C GLN B 18 8.81 -17.34 -28.95
N ARG B 19 8.63 -16.05 -28.68
CA ARG B 19 8.43 -15.11 -29.76
C ARG B 19 9.37 -13.89 -29.60
N GLY B 20 10.54 -13.96 -30.24
CA GLY B 20 11.63 -13.04 -29.95
C GLY B 20 12.03 -13.12 -28.49
N HIS B 21 12.05 -11.98 -27.81
CA HIS B 21 12.39 -11.98 -26.39
C HIS B 21 11.16 -12.29 -25.50
N LEU B 22 10.01 -12.57 -26.11
CA LEU B 22 8.81 -12.86 -25.31
C LEU B 22 8.58 -14.37 -25.14
N PHE B 23 8.14 -14.75 -23.95
CA PHE B 23 7.89 -16.15 -23.64
C PHE B 23 6.38 -16.28 -23.39
N LEU B 24 5.67 -16.91 -24.32
CA LEU B 24 4.20 -16.98 -24.19
C LEU B 24 3.70 -18.30 -23.57
N ILE B 25 2.90 -18.19 -22.52
CA ILE B 25 2.36 -19.33 -21.81
C ILE B 25 0.83 -19.24 -21.83
N GLY B 26 0.19 -20.25 -22.43
CA GLY B 26 -1.26 -20.27 -22.49
C GLY B 26 -1.91 -21.44 -21.78
N LEU B 27 -2.81 -21.13 -20.84
CA LEU B 27 -3.72 -22.10 -20.25
C LEU B 27 -4.55 -22.78 -21.35
N ASP B 28 -4.42 -24.11 -21.43
CA ASP B 28 -4.98 -24.90 -22.50
C ASP B 28 -5.93 -26.04 -22.00
N ARG B 29 -7.08 -25.64 -21.48
CA ARG B 29 -8.06 -26.59 -20.98
C ARG B 29 -9.41 -25.90 -21.05
N ALA B 30 -9.61 -25.18 -22.16
CA ALA B 30 -10.84 -24.39 -22.42
C ALA B 30 -12.08 -25.23 -22.19
N GLY B 31 -11.95 -26.51 -22.53
CA GLY B 31 -13.02 -27.48 -22.38
C GLY B 31 -13.55 -27.56 -20.95
N LYS B 32 -12.71 -27.28 -19.96
CA LYS B 32 -13.22 -27.19 -18.60
C LYS B 32 -13.10 -25.77 -18.03
N ARG B 33 -13.17 -24.77 -18.88
CA ARG B 33 -13.02 -23.39 -18.40
C ARG B 33 -11.70 -23.15 -17.70
N ASN B 34 -10.70 -23.92 -18.10
CA ASN B 34 -9.38 -23.81 -17.52
C ASN B 34 -9.38 -23.99 -16.00
N ALA B 35 -10.31 -24.81 -15.49
CA ALA B 35 -10.20 -25.26 -14.12
C ALA B 35 -8.83 -26.00 -13.93
N PHE B 36 -8.10 -25.72 -12.86
CA PHE B 36 -6.77 -26.31 -12.69
C PHE B 36 -6.82 -27.69 -12.00
N ASP B 37 -6.45 -28.72 -12.74
CA ASP B 37 -6.15 -30.03 -12.16
C ASP B 37 -4.70 -30.09 -11.76
N SER B 38 -4.26 -31.21 -11.16
CA SER B 38 -2.86 -31.30 -10.77
C SER B 38 -1.97 -31.21 -12.02
N ALA B 39 -2.47 -31.74 -13.12
CA ALA B 39 -1.74 -31.72 -14.37
C ALA B 39 -1.44 -30.30 -14.80
N LEU B 41 -1.45 -27.41 -13.03
CA LEU B 41 -0.58 -26.74 -12.07
C LEU B 41 0.91 -27.10 -12.29
N ALA B 42 1.19 -28.37 -12.54
CA ALA B 42 2.55 -28.79 -12.70
C ALA B 42 3.10 -28.24 -13.99
N ASP B 43 2.27 -28.30 -15.02
CA ASP B 43 2.73 -27.87 -16.31
C ASP B 43 2.97 -26.34 -16.38
N LEU B 44 2.07 -25.54 -15.81
CA LEU B 44 2.26 -24.10 -15.64
C LEU B 44 3.57 -23.77 -14.82
N ALA B 45 3.77 -24.42 -13.68
CA ALA B 45 5.00 -24.23 -12.92
C ALA B 45 6.25 -24.62 -13.71
N LEU B 46 6.17 -25.69 -14.51
CA LEU B 46 7.29 -26.07 -15.41
C LEU B 46 7.56 -25.07 -16.52
N ALA B 47 6.50 -24.54 -17.12
CA ALA B 47 6.58 -23.45 -18.08
C ALA B 47 7.24 -22.20 -17.46
N GLY B 49 9.34 -22.19 -14.79
CA GLY B 49 10.72 -22.60 -14.56
C GLY B 49 11.53 -22.48 -15.85
N GLU B 50 10.94 -22.89 -16.96
CA GLU B 50 11.67 -22.83 -18.20
C GLU B 50 11.89 -21.37 -18.70
N TYR B 51 10.90 -20.51 -18.51
CA TYR B 51 11.07 -19.07 -18.71
C TYR B 51 12.24 -18.54 -17.87
N GLU B 52 12.25 -18.84 -16.58
CA GLU B 52 13.37 -18.44 -15.73
C GLU B 52 14.74 -18.83 -16.28
N ARG B 53 14.83 -20.01 -16.89
CA ARG B 53 16.14 -20.50 -17.34
C ARG B 53 16.44 -20.14 -18.79
N SER B 54 15.46 -19.52 -19.46
CA SER B 54 15.57 -19.08 -20.84
C SER B 54 16.30 -17.72 -20.94
N GLU B 55 17.61 -17.83 -21.12
CA GLU B 55 18.52 -16.72 -21.32
C GLU B 55 17.99 -15.53 -22.09
N GLU B 56 17.24 -15.78 -23.15
CA GLU B 56 16.81 -14.74 -24.08
C GLU B 56 15.35 -14.36 -23.93
N SER B 57 14.66 -14.92 -22.96
CA SER B 57 13.32 -14.45 -22.72
C SER B 57 13.48 -13.29 -21.75
N ARG B 58 12.86 -12.17 -22.07
CA ARG B 58 12.98 -11.01 -21.25
C ARG B 58 11.69 -10.69 -20.56
N CYS B 59 10.62 -11.28 -21.05
CA CYS B 59 9.34 -11.11 -20.41
C CYS B 59 8.42 -12.31 -20.77
N ALA B 60 7.61 -12.72 -19.82
CA ALA B 60 6.70 -13.81 -20.05
C ALA B 60 5.28 -13.23 -20.17
N VAL B 61 4.49 -13.75 -21.10
CA VAL B 61 3.07 -13.38 -21.13
C VAL B 61 2.18 -14.58 -20.82
N LEU B 62 1.48 -14.51 -19.71
CA LEU B 62 0.53 -15.56 -19.34
C LEU B 62 -0.86 -15.20 -19.83
N PHE B 63 -1.47 -16.07 -20.61
CA PHE B 63 -2.82 -15.88 -21.09
C PHE B 63 -3.61 -17.23 -21.08
N ALA B 64 -4.87 -17.17 -21.50
CA ALA B 64 -5.74 -18.36 -21.50
C ALA B 64 -6.32 -18.54 -22.91
N HIS B 65 -6.24 -19.77 -23.41
CA HIS B 65 -6.97 -20.14 -24.62
C HIS B 65 -8.44 -20.22 -24.23
N GLY B 66 -9.32 -19.92 -25.19
CA GLY B 66 -10.75 -20.05 -24.94
C GLY B 66 -11.36 -18.72 -24.56
N GLU B 67 -12.51 -18.75 -23.89
N GLU B 67 -12.51 -18.77 -23.91
CA GLU B 67 -13.20 -17.50 -23.56
CA GLU B 67 -13.29 -17.58 -23.56
C GLU B 67 -13.08 -17.21 -22.07
C GLU B 67 -13.13 -17.25 -22.08
N HIS B 68 -12.43 -18.11 -21.35
CA HIS B 68 -12.35 -17.99 -19.90
C HIS B 68 -10.97 -18.14 -19.34
N PHE B 69 -10.53 -17.13 -18.61
CA PHE B 69 -9.22 -17.23 -17.99
C PHE B 69 -9.11 -18.45 -17.07
N THR B 70 -9.89 -18.52 -15.99
CA THR B 70 -9.94 -19.74 -15.19
C THR B 70 -11.14 -19.82 -14.26
N ALA B 71 -11.73 -21.01 -14.15
CA ALA B 71 -12.83 -21.25 -13.20
C ALA B 71 -12.29 -21.56 -11.82
N GLY B 72 -10.96 -21.53 -11.66
CA GLY B 72 -10.34 -21.83 -10.38
C GLY B 72 -9.81 -23.27 -10.32
N LEU B 73 -9.63 -23.78 -9.10
CA LEU B 73 -9.18 -25.14 -8.92
C LEU B 73 -10.25 -26.15 -9.27
N ASP B 74 -9.80 -27.32 -9.76
CA ASP B 74 -10.65 -28.49 -9.96
C ASP B 74 -10.65 -29.26 -8.65
N LEU B 75 -11.52 -28.91 -7.70
CA LEU B 75 -11.49 -29.53 -6.37
C LEU B 75 -11.72 -31.05 -6.39
N GLU B 77 -10.80 -33.26 -8.77
CA GLU B 77 -9.54 -33.91 -9.12
C GLU B 77 -8.49 -33.65 -8.05
N LEU B 78 -8.52 -32.47 -7.45
CA LEU B 78 -7.36 -31.97 -6.72
C LEU B 78 -7.43 -32.27 -5.24
N ALA B 79 -8.60 -32.11 -4.65
CA ALA B 79 -8.71 -32.32 -3.20
C ALA B 79 -8.23 -33.72 -2.79
N PRO B 80 -8.71 -34.77 -3.48
CA PRO B 80 -8.23 -36.11 -3.08
C PRO B 80 -6.73 -36.34 -3.31
N LYS B 81 -5.92 -35.29 -3.26
CA LYS B 81 -4.47 -35.40 -3.49
C LYS B 81 -3.72 -34.49 -2.53
N LEU B 82 -4.44 -33.84 -1.64
CA LEU B 82 -3.81 -32.94 -0.68
C LEU B 82 -4.69 -32.75 0.58
N SER B 85 -1.91 -34.19 1.30
CA SER B 85 -1.70 -33.04 2.17
C SER B 85 -0.69 -32.03 1.57
N GLY B 86 -1.21 -30.89 1.15
CA GLY B 86 -0.38 -29.80 0.62
C GLY B 86 0.03 -30.00 -0.84
N PHE B 87 0.39 -28.90 -1.53
CA PHE B 87 0.80 -29.00 -2.92
C PHE B 87 2.26 -28.72 -3.19
N ARG B 88 2.95 -29.74 -3.68
CA ARG B 88 4.33 -29.63 -4.15
C ARG B 88 4.38 -29.43 -5.67
N TYR B 89 5.27 -28.54 -6.09
CA TYR B 89 5.58 -28.32 -7.49
C TYR B 89 6.76 -29.17 -7.91
N PRO B 90 6.90 -29.38 -9.21
CA PRO B 90 7.95 -30.26 -9.71
C PRO B 90 9.28 -29.58 -9.48
N ASP B 91 10.40 -30.34 -9.42
CA ASP B 91 11.74 -29.73 -9.38
C ASP B 91 11.94 -28.79 -10.54
N GLY B 92 12.61 -27.68 -10.32
CA GLY B 92 12.69 -26.76 -11.43
C GLY B 92 11.35 -26.31 -12.02
N GLY B 93 10.28 -26.38 -11.23
CA GLY B 93 9.11 -25.58 -11.51
C GLY B 93 9.22 -24.34 -10.64
N VAL B 94 8.56 -23.26 -11.02
CA VAL B 94 8.40 -22.07 -10.18
C VAL B 94 6.91 -21.90 -9.90
N ASP B 95 6.54 -21.64 -8.65
CA ASP B 95 5.15 -21.45 -8.25
C ASP B 95 4.53 -20.21 -8.95
N PRO B 96 3.55 -20.44 -9.82
CA PRO B 96 2.81 -19.36 -10.48
C PRO B 96 2.22 -18.40 -9.47
N TRP B 97 1.70 -18.93 -8.37
CA TRP B 97 1.16 -18.10 -7.32
C TRP B 97 2.18 -17.33 -6.48
N GLY B 98 3.45 -17.53 -6.77
CA GLY B 98 4.54 -16.92 -6.04
C GLY B 98 4.54 -17.07 -4.52
N VAL B 99 4.07 -18.20 -4.02
CA VAL B 99 3.99 -18.37 -2.58
C VAL B 99 5.12 -19.25 -2.06
N VAL B 100 5.48 -20.24 -2.86
CA VAL B 100 6.53 -21.20 -2.57
C VAL B 100 7.86 -20.93 -3.32
N GLN B 101 8.97 -20.95 -2.61
CA GLN B 101 10.26 -20.71 -3.23
C GLN B 101 10.58 -21.79 -4.26
N PRO B 102 11.33 -21.42 -5.32
CA PRO B 102 11.86 -20.09 -5.56
C PRO B 102 10.88 -19.17 -6.28
N ARG B 103 11.07 -17.88 -6.06
CA ARG B 103 10.24 -16.86 -6.64
C ARG B 103 10.81 -16.56 -8.03
N ARG B 104 9.94 -16.17 -8.96
CA ARG B 104 10.43 -15.69 -10.24
C ARG B 104 11.37 -14.52 -10.03
N SER B 105 12.12 -14.19 -11.06
CA SER B 105 13.02 -13.07 -10.94
C SER B 105 13.02 -12.25 -12.23
N LYS B 106 12.14 -12.60 -13.17
CA LYS B 106 11.94 -11.88 -14.41
C LYS B 106 10.46 -11.50 -14.53
N PRO B 107 10.14 -10.59 -15.45
CA PRO B 107 8.81 -9.96 -15.47
C PRO B 107 7.71 -10.84 -15.97
N LEU B 108 6.50 -10.67 -15.47
CA LEU B 108 5.37 -11.41 -15.99
C LEU B 108 4.22 -10.46 -16.26
N VAL B 109 3.63 -10.59 -17.44
CA VAL B 109 2.50 -9.79 -17.82
C VAL B 109 1.37 -10.80 -18.00
N VAL B 110 0.17 -10.43 -17.59
CA VAL B 110 -0.92 -11.36 -17.74
C VAL B 110 -2.14 -10.72 -18.41
N ALA B 111 -2.74 -11.50 -19.31
CA ALA B 111 -4.00 -11.11 -19.98
C ALA B 111 -5.16 -12.02 -19.54
N VAL B 112 -6.27 -11.42 -19.10
CA VAL B 112 -7.43 -12.18 -18.63
C VAL B 112 -8.76 -11.76 -19.26
N GLN B 113 -9.63 -12.73 -19.47
CA GLN B 113 -10.93 -12.52 -20.08
C GLN B 113 -11.99 -13.45 -19.52
N GLY B 114 -13.23 -12.97 -19.57
CA GLY B 114 -14.38 -13.78 -19.20
C GLY B 114 -14.54 -14.04 -17.71
N THR B 115 -14.07 -15.20 -17.28
CA THR B 115 -14.27 -15.71 -15.94
C THR B 115 -12.93 -15.84 -15.23
N CYS B 116 -12.88 -15.40 -13.98
CA CYS B 116 -11.63 -15.36 -13.23
C CYS B 116 -11.86 -15.70 -11.77
N TRP B 117 -12.16 -16.97 -11.49
CA TRP B 117 -12.58 -17.38 -10.16
C TRP B 117 -11.39 -17.61 -9.24
N THR B 118 -11.55 -17.27 -7.97
CA THR B 118 -10.69 -17.79 -6.91
C THR B 118 -9.22 -17.72 -7.33
N ALA B 119 -8.72 -18.80 -7.91
CA ALA B 119 -7.28 -19.00 -8.06
C ALA B 119 -6.71 -18.08 -9.14
N GLY B 120 -7.59 -17.57 -9.98
CA GLY B 120 -7.17 -16.73 -11.10
C GLY B 120 -6.87 -15.30 -10.69
N ILE B 121 -7.69 -14.78 -9.78
CA ILE B 121 -7.38 -13.50 -9.13
C ILE B 121 -5.96 -13.49 -8.59
N GLU B 122 -5.64 -14.46 -7.73
CA GLU B 122 -4.35 -14.50 -7.07
C GLU B 122 -3.26 -14.68 -8.10
N LEU B 123 -3.58 -15.39 -9.16
CA LEU B 123 -2.62 -15.66 -10.20
C LEU B 123 -2.33 -14.34 -10.89
N LEU B 125 -2.61 -11.32 -9.58
CA LEU B 125 -1.94 -10.33 -8.73
C LEU B 125 -0.46 -10.66 -8.50
N ASN B 126 -0.03 -11.80 -8.99
CA ASN B 126 1.35 -12.18 -8.88
C ASN B 126 2.13 -11.67 -10.09
N ALA B 127 1.45 -11.01 -10.99
CA ALA B 127 2.08 -10.50 -12.19
C ALA B 127 2.47 -9.01 -12.05
N ASP B 128 3.22 -8.48 -13.00
CA ASP B 128 3.62 -7.09 -12.96
C ASP B 128 2.74 -6.15 -13.77
N ILE B 129 2.07 -6.69 -14.77
CA ILE B 129 1.11 -5.98 -15.59
C ILE B 129 -0.02 -6.95 -15.83
N ALA B 130 -1.24 -6.43 -15.61
CA ALA B 130 -2.44 -7.21 -15.78
C ALA B 130 -3.44 -6.46 -16.64
N VAL B 131 -3.81 -7.07 -17.75
CA VAL B 131 -4.80 -6.52 -18.64
C VAL B 131 -6.04 -7.42 -18.74
N ALA B 132 -7.22 -6.84 -18.58
CA ALA B 132 -8.46 -7.57 -18.63
C ALA B 132 -9.44 -7.01 -19.68
N ALA B 133 -10.19 -7.91 -20.29
CA ALA B 133 -11.28 -7.58 -21.20
C ALA B 133 -12.40 -6.96 -20.37
N ARG B 134 -12.98 -5.88 -20.88
CA ARG B 134 -14.19 -5.32 -20.29
C ARG B 134 -15.21 -6.45 -20.10
N GLY B 135 -15.84 -6.49 -18.93
CA GLY B 135 -16.82 -7.55 -18.70
C GLY B 135 -16.25 -8.84 -18.14
N THR B 136 -14.96 -8.88 -17.89
CA THR B 136 -14.39 -10.03 -17.21
C THR B 136 -14.97 -10.04 -15.79
N ARG B 137 -15.20 -11.22 -15.23
CA ARG B 137 -15.84 -11.33 -13.95
C ARG B 137 -14.91 -11.98 -12.96
N PHE B 138 -14.89 -11.49 -11.74
CA PHE B 138 -13.98 -11.96 -10.74
C PHE B 138 -14.79 -12.28 -9.53
N ALA B 139 -14.40 -13.32 -8.83
CA ALA B 139 -14.93 -13.46 -7.49
C ALA B 139 -14.10 -14.38 -6.65
N HIS B 140 -14.06 -14.10 -5.36
CA HIS B 140 -13.45 -14.96 -4.37
C HIS B 140 -14.47 -15.90 -3.73
N LEU B 141 -14.91 -16.89 -4.49
CA LEU B 141 -16.00 -17.77 -4.09
C LEU B 141 -15.66 -18.74 -2.96
N GLU B 142 -14.39 -18.85 -2.61
CA GLU B 142 -13.98 -19.76 -1.57
C GLU B 142 -14.72 -19.59 -0.25
N VAL B 143 -14.91 -18.35 0.17
CA VAL B 143 -15.55 -18.07 1.45
C VAL B 143 -16.88 -18.77 1.55
N LEU B 144 -17.67 -18.68 0.50
CA LEU B 144 -18.98 -19.31 0.52
C LEU B 144 -18.92 -20.78 0.89
N ARG B 145 -17.78 -21.44 0.66
CA ARG B 145 -17.65 -22.87 1.01
C ARG B 145 -16.70 -23.20 2.20
N GLY B 146 -15.40 -23.26 1.95
CA GLY B 146 -14.45 -23.56 3.00
C GLY B 146 -13.06 -23.02 2.65
N ILE B 147 -12.05 -23.36 3.45
CA ILE B 147 -10.71 -22.87 3.17
C ILE B 147 -10.26 -23.38 1.80
N PRO B 148 -9.54 -22.52 1.04
CA PRO B 148 -9.01 -22.83 -0.29
C PRO B 148 -7.61 -23.45 -0.26
N PRO B 149 -7.45 -24.66 -0.86
CA PRO B 149 -6.21 -25.47 -0.86
C PRO B 149 -5.00 -24.85 -1.59
N LEU B 150 -5.26 -23.82 -2.40
CA LEU B 150 -4.22 -23.21 -3.24
C LEU B 150 -4.85 -21.99 -3.94
N GLY B 151 -4.03 -21.01 -4.27
CA GLY B 151 -4.54 -19.77 -4.82
C GLY B 151 -5.44 -19.11 -3.80
N GLY B 152 -5.36 -19.58 -2.55
CA GLY B 152 -6.10 -18.98 -1.45
C GLY B 152 -5.80 -17.50 -1.37
N SER B 153 -6.64 -16.77 -0.64
CA SER B 153 -6.52 -15.32 -0.54
C SER B 153 -5.19 -14.84 0.06
N THR B 154 -4.74 -13.69 -0.41
CA THR B 154 -3.39 -13.26 -0.13
C THR B 154 -3.38 -11.88 0.46
N VAL B 155 -2.18 -11.41 0.76
CA VAL B 155 -1.96 -10.04 1.17
C VAL B 155 -1.93 -9.09 -0.03
N ARG B 156 -1.73 -9.67 -1.23
CA ARG B 156 -1.62 -8.88 -2.43
C ARG B 156 -2.91 -8.09 -2.68
N PHE B 157 -4.04 -8.77 -2.48
CA PHE B 157 -5.31 -8.11 -2.66
C PHE B 157 -5.42 -6.83 -1.76
N PRO B 158 -5.20 -6.96 -0.43
CA PRO B 158 -5.27 -5.75 0.41
C PRO B 158 -4.21 -4.71 0.08
N ARG B 159 -2.98 -5.14 -0.27
CA ARG B 159 -1.93 -4.22 -0.75
C ARG B 159 -2.40 -3.44 -1.96
N ALA B 160 -2.97 -4.12 -2.95
CA ALA B 160 -3.50 -3.37 -4.09
C ALA B 160 -4.71 -2.52 -3.69
N ALA B 161 -5.75 -3.18 -3.16
CA ALA B 161 -7.06 -2.52 -3.03
C ALA B 161 -7.23 -1.66 -1.75
N GLY B 162 -6.33 -1.83 -0.79
CA GLY B 162 -6.59 -1.40 0.56
C GLY B 162 -7.27 -2.53 1.34
N TRP B 163 -7.03 -2.58 2.65
CA TRP B 163 -7.66 -3.57 3.50
C TRP B 163 -9.17 -3.68 3.30
N THR B 164 -9.90 -2.60 3.57
CA THR B 164 -11.36 -2.64 3.52
C THR B 164 -11.99 -3.09 2.18
N ASP B 165 -11.63 -2.46 1.08
CA ASP B 165 -12.16 -2.89 -0.22
C ASP B 165 -11.80 -4.33 -0.54
N ALA B 166 -10.67 -4.79 -0.02
CA ALA B 166 -10.35 -6.18 -0.27
C ALA B 166 -11.21 -7.08 0.61
N ARG B 168 -14.25 -6.41 1.66
CA ARG B 168 -15.59 -6.38 1.11
C ARG B 168 -15.88 -7.45 0.04
N TYR B 169 -14.86 -7.93 -0.65
CA TYR B 169 -15.01 -9.01 -1.64
C TYR B 169 -14.49 -10.36 -1.14
N ILE B 170 -13.40 -10.35 -0.39
CA ILE B 170 -12.86 -11.59 0.12
C ILE B 170 -13.85 -12.21 1.11
N LEU B 171 -14.36 -11.42 2.05
CA LEU B 171 -15.21 -11.96 3.12
C LEU B 171 -16.63 -12.23 2.63
N THR B 172 -16.97 -11.82 1.42
CA THR B 172 -18.36 -11.97 1.01
C THR B 172 -18.48 -12.92 -0.15
N GLY B 173 -17.46 -12.92 -0.99
CA GLY B 173 -17.51 -13.76 -2.16
C GLY B 173 -18.18 -13.04 -3.30
N ASP B 174 -18.57 -11.78 -3.09
CA ASP B 174 -19.27 -11.04 -4.14
C ASP B 174 -18.47 -10.92 -5.41
N GLU B 175 -19.21 -10.83 -6.51
CA GLU B 175 -18.63 -10.75 -7.85
C GLU B 175 -18.32 -9.29 -8.21
N PHE B 176 -17.21 -9.05 -8.92
CA PHE B 176 -16.93 -7.73 -9.46
C PHE B 176 -16.46 -7.85 -10.86
N ASP B 177 -16.51 -6.75 -11.62
CA ASP B 177 -16.08 -6.81 -13.00
C ASP B 177 -14.75 -6.08 -13.19
N ALA B 178 -14.30 -6.07 -14.44
CA ALA B 178 -13.04 -5.47 -14.82
C ALA B 178 -12.92 -4.01 -14.38
N ASP B 179 -14.02 -3.26 -14.42
CA ASP B 179 -13.90 -1.84 -14.10
C ASP B 179 -13.68 -1.61 -12.61
N GLU B 180 -14.31 -2.48 -11.81
CA GLU B 180 -14.15 -2.43 -10.36
C GLU B 180 -12.74 -2.92 -9.95
N ALA B 181 -12.26 -3.96 -10.64
CA ALA B 181 -10.91 -4.40 -10.43
C ALA B 181 -9.86 -3.29 -10.76
N LEU B 182 -10.06 -2.53 -11.82
CA LEU B 182 -9.20 -1.41 -12.14
C LEU B 182 -9.25 -0.34 -11.07
N ARG B 183 -10.45 -0.08 -10.56
CA ARG B 183 -10.63 0.98 -9.56
C ARG B 183 -9.86 0.65 -8.28
N ARG B 185 -7.10 -1.11 -8.38
CA ARG B 185 -5.68 -1.26 -8.75
C ARG B 185 -5.19 -2.71 -8.85
N LEU B 186 -6.08 -3.61 -9.24
CA LEU B 186 -5.67 -4.98 -9.50
C LEU B 186 -5.25 -5.16 -10.96
N LEU B 187 -5.69 -4.25 -11.82
CA LEU B 187 -5.42 -4.37 -13.25
C LEU B 187 -4.61 -3.19 -13.59
N THR B 188 -3.90 -3.28 -14.70
CA THR B 188 -3.15 -2.14 -15.18
C THR B 188 -4.07 -1.43 -16.11
N GLU B 189 -4.85 -2.19 -16.87
CA GLU B 189 -5.69 -1.61 -17.91
C GLU B 189 -6.91 -2.47 -18.25
N VAL B 190 -8.01 -1.81 -18.59
CA VAL B 190 -9.18 -2.52 -19.10
C VAL B 190 -9.38 -2.22 -20.56
N VAL B 191 -9.59 -3.26 -21.37
CA VAL B 191 -9.70 -3.09 -22.83
C VAL B 191 -10.89 -3.82 -23.44
N GLU B 192 -11.23 -3.47 -24.68
CA GLU B 192 -12.35 -4.09 -25.42
C GLU B 192 -12.13 -5.59 -25.57
N PRO B 193 -13.22 -6.37 -25.46
CA PRO B 193 -13.09 -7.84 -25.45
C PRO B 193 -12.39 -8.28 -26.74
N GLY B 194 -11.45 -9.21 -26.65
CA GLY B 194 -10.66 -9.58 -27.82
C GLY B 194 -9.33 -8.86 -28.00
N GLU B 195 -9.11 -7.82 -27.20
CA GLU B 195 -7.91 -6.99 -27.32
C GLU B 195 -6.95 -7.21 -26.16
N GLU B 196 -7.30 -8.08 -25.23
CA GLU B 196 -6.48 -8.15 -24.03
C GLU B 196 -5.09 -8.73 -24.31
N LEU B 197 -4.99 -9.69 -25.22
CA LEU B 197 -3.69 -10.30 -25.42
C LEU B 197 -2.83 -9.38 -26.27
N ALA B 198 -3.42 -8.72 -27.27
CA ALA B 198 -2.64 -7.80 -28.09
C ALA B 198 -2.03 -6.70 -27.23
N ARG B 199 -2.82 -6.29 -26.24
CA ARG B 199 -2.41 -5.21 -25.35
C ARG B 199 -1.36 -5.69 -24.37
N ALA B 200 -1.59 -6.82 -23.74
CA ALA B 200 -0.58 -7.45 -22.90
C ALA B 200 0.77 -7.59 -23.62
N LEU B 201 0.72 -8.03 -24.88
CA LEU B 201 1.91 -8.11 -25.73
C LEU B 201 2.64 -6.77 -25.90
N GLU B 202 1.92 -5.70 -26.23
CA GLU B 202 2.57 -4.40 -26.33
C GLU B 202 3.34 -4.02 -25.04
N TYR B 203 2.73 -4.26 -23.87
CA TYR B 203 3.40 -3.98 -22.59
C TYR B 203 4.64 -4.81 -22.41
N ALA B 204 4.58 -6.07 -22.84
CA ALA B 204 5.67 -7.01 -22.68
C ALA B 204 6.79 -6.67 -23.64
N GLU B 205 6.45 -6.30 -24.87
CA GLU B 205 7.45 -5.75 -25.78
C GLU B 205 8.15 -4.50 -25.19
N ARG B 206 7.39 -3.65 -24.52
CA ARG B 206 8.00 -2.49 -23.90
C ARG B 206 9.01 -2.84 -22.77
N ILE B 207 8.70 -3.84 -21.93
CA ILE B 207 9.57 -4.28 -20.85
C ILE B 207 10.77 -4.98 -21.46
N ALA B 208 10.52 -5.69 -22.56
CA ALA B 208 11.65 -6.36 -23.24
C ALA B 208 12.66 -5.40 -23.92
N ARG B 209 12.33 -4.13 -24.10
N ARG B 209 12.29 -4.12 -24.08
CA ARG B 209 13.31 -3.21 -24.66
CA ARG B 209 13.19 -3.12 -24.64
C ARG B 209 14.21 -2.63 -23.57
C ARG B 209 14.17 -2.64 -23.58
N ALA B 210 13.75 -2.71 -22.32
CA ALA B 210 14.57 -2.28 -21.20
C ALA B 210 15.85 -3.15 -21.08
N ALA B 211 16.87 -2.65 -20.39
CA ALA B 211 18.04 -3.46 -20.09
C ALA B 211 17.72 -4.57 -19.08
N PRO B 212 18.01 -5.83 -19.45
CA PRO B 212 17.59 -6.99 -18.64
C PRO B 212 18.21 -6.99 -17.24
N LEU B 213 19.50 -6.68 -17.13
CA LEU B 213 20.08 -6.58 -15.80
C LEU B 213 19.40 -5.50 -14.93
N ALA B 214 19.04 -4.41 -15.57
CA ALA B 214 18.45 -3.33 -14.80
C ALA B 214 17.01 -3.73 -14.40
N VAL B 215 16.28 -4.38 -15.32
CA VAL B 215 14.93 -4.87 -15.05
C VAL B 215 14.97 -5.87 -13.86
N ARG B 216 15.86 -6.85 -13.98
CA ARG B 216 16.03 -7.83 -12.92
C ARG B 216 16.31 -7.20 -11.56
N ALA B 217 17.21 -6.21 -11.52
CA ALA B 217 17.56 -5.57 -10.26
C ALA B 217 16.39 -4.68 -9.73
N ALA B 218 15.63 -4.11 -10.64
CA ALA B 218 14.41 -3.41 -10.23
C ALA B 218 13.45 -4.36 -9.49
N LEU B 219 13.19 -5.55 -10.09
CA LEU B 219 12.23 -6.53 -9.54
C LEU B 219 12.69 -6.98 -8.19
N GLN B 220 14.00 -7.25 -8.10
CA GLN B 220 14.61 -7.71 -6.86
C GLN B 220 14.47 -6.65 -5.75
N SER B 221 14.68 -5.36 -6.05
CA SER B 221 14.39 -4.35 -5.00
C SER B 221 12.93 -4.31 -4.57
N ALA B 222 12.02 -4.39 -5.54
CA ALA B 222 10.59 -4.27 -5.26
C ALA B 222 10.10 -5.43 -4.41
N PHE B 223 10.59 -6.64 -4.75
CA PHE B 223 10.23 -7.86 -4.06
C PHE B 223 10.56 -7.86 -2.57
N GLN B 224 11.27 -6.86 -2.06
CA GLN B 224 11.53 -6.74 -0.62
C GLN B 224 10.29 -6.50 0.25
N GLY B 225 9.95 -7.49 1.06
CA GLY B 225 8.85 -7.40 2.00
C GLY B 225 7.51 -7.19 1.33
N ARG B 226 7.42 -7.53 0.05
CA ARG B 226 6.19 -7.34 -0.70
C ARG B 226 4.97 -7.99 -0.03
N ASP B 227 5.15 -9.22 0.44
CA ASP B 227 4.05 -9.97 1.02
C ASP B 227 4.08 -9.99 2.53
N GLU B 228 4.92 -9.15 3.13
CA GLU B 228 5.02 -9.05 4.58
C GLU B 228 3.68 -8.63 5.18
N GLY B 229 3.17 -9.41 6.13
CA GLY B 229 1.84 -9.17 6.65
C GLY B 229 1.79 -8.00 7.60
N ASP B 230 0.60 -7.46 7.80
CA ASP B 230 0.45 -6.28 8.66
C ASP B 230 0.69 -6.54 10.15
N ASP B 231 0.86 -7.79 10.56
CA ASP B 231 1.14 -8.06 11.96
C ASP B 231 2.65 -8.04 12.24
N ALA B 232 3.44 -8.03 11.17
CA ALA B 232 4.90 -7.82 11.30
C ALA B 232 5.22 -6.32 11.48
N ALA B 233 4.59 -5.48 10.67
CA ALA B 233 4.67 -4.03 10.85
C ALA B 233 4.26 -3.61 12.26
N LEU B 234 3.09 -4.09 12.70
CA LEU B 234 2.47 -3.66 13.95
C LEU B 234 3.23 -4.04 15.22
N SER B 235 3.98 -5.14 15.15
CA SER B 235 4.80 -5.59 16.27
C SER B 235 6.06 -4.74 16.42
N ARG B 236 6.66 -4.38 15.30
CA ARG B 236 7.81 -3.48 15.23
C ARG B 236 7.45 -2.11 15.86
N VAL B 237 6.19 -1.76 15.71
CA VAL B 237 5.65 -0.47 16.13
C VAL B 237 5.31 -0.43 17.60
N ASN B 238 4.62 -1.46 18.08
CA ASN B 238 4.22 -1.48 19.48
C ASN B 238 5.43 -1.34 20.43
N GLU B 239 6.56 -1.90 20.02
CA GLU B 239 7.81 -1.79 20.77
C GLU B 239 8.31 -0.36 20.77
N SER B 240 8.20 0.30 19.63
CA SER B 240 8.65 1.69 19.50
C SER B 240 7.95 2.67 20.47
N LEU B 241 6.87 2.21 21.11
CA LEU B 241 6.04 3.07 21.97
C LEU B 241 5.98 2.56 23.41
N GLU C 6 -30.13 9.49 29.80
CA GLU C 6 -29.92 8.56 28.69
C GLU C 6 -28.50 8.66 28.14
N ALA C 7 -28.04 9.89 27.88
CA ALA C 7 -26.67 10.08 27.43
C ALA C 7 -25.79 9.96 28.65
N ASN C 8 -24.74 9.16 28.55
CA ASN C 8 -23.90 8.94 29.71
C ASN C 8 -22.81 9.97 29.77
N SER C 9 -22.68 10.61 30.94
CA SER C 9 -21.69 11.64 31.15
C SER C 9 -20.62 11.18 32.17
N GLY C 10 -20.80 9.98 32.68
CA GLY C 10 -19.91 9.48 33.71
C GLY C 10 -18.84 8.63 33.10
N PRO C 11 -18.35 7.66 33.88
CA PRO C 11 -17.30 6.73 33.40
C PRO C 11 -17.81 5.95 32.19
N GLY C 12 -16.90 5.68 31.24
CA GLY C 12 -17.30 5.07 29.99
C GLY C 12 -17.66 3.59 30.06
N ARG C 13 -18.34 3.13 29.02
CA ARG C 13 -18.81 1.77 29.00
C ARG C 13 -19.25 1.50 27.56
N VAL C 14 -19.56 0.24 27.25
CA VAL C 14 -20.17 -0.11 25.98
C VAL C 14 -21.42 -0.94 26.21
N THR C 15 -22.39 -0.78 25.32
CA THR C 15 -23.50 -1.72 25.26
C THR C 15 -23.12 -2.96 24.45
N ARG C 16 -23.77 -4.08 24.76
CA ARG C 16 -23.74 -5.27 23.92
C ARG C 16 -25.15 -5.72 23.60
N GLU C 17 -25.45 -5.90 22.31
CA GLU C 17 -26.72 -6.48 21.90
C GLU C 17 -26.42 -7.61 20.91
N GLN C 18 -26.97 -8.79 21.16
CA GLN C 18 -26.80 -9.87 20.22
C GLN C 18 -27.95 -9.82 19.21
N ARG C 19 -27.70 -9.57 17.94
CA ARG C 19 -28.84 -9.42 17.04
C ARG C 19 -28.69 -10.40 15.90
N GLY C 20 -29.32 -11.56 16.05
CA GLY C 20 -29.07 -12.68 15.16
C GLY C 20 -27.64 -13.17 15.34
N HIS C 21 -26.86 -13.11 14.27
CA HIS C 21 -25.48 -13.56 14.32
C HIS C 21 -24.52 -12.37 14.37
N LEU C 22 -25.09 -11.19 14.58
CA LEU C 22 -24.33 -9.94 14.66
C LEU C 22 -24.14 -9.58 16.13
N PHE C 23 -22.91 -9.28 16.53
CA PHE C 23 -22.61 -8.85 17.91
C PHE C 23 -22.43 -7.33 17.86
N LEU C 24 -23.42 -6.60 18.36
CA LEU C 24 -23.44 -5.13 18.29
C LEU C 24 -22.83 -4.40 19.52
N ILE C 25 -21.72 -3.69 19.31
CA ILE C 25 -21.05 -3.01 20.41
C ILE C 25 -21.18 -1.48 20.24
N GLY C 26 -21.80 -0.83 21.22
CA GLY C 26 -21.99 0.61 21.13
C GLY C 26 -21.19 1.43 22.15
N LEU C 27 -20.35 2.34 21.68
CA LEU C 27 -19.70 3.24 22.65
C LEU C 27 -20.76 4.10 23.30
N ASP C 28 -20.74 4.11 24.63
CA ASP C 28 -21.77 4.69 25.46
C ASP C 28 -21.16 5.65 26.46
N ARG C 29 -20.75 6.81 25.98
CA ARG C 29 -20.32 7.87 26.88
C ARG C 29 -20.52 9.15 26.13
N ALA C 30 -21.70 9.23 25.52
CA ALA C 30 -22.06 10.33 24.64
C ALA C 30 -21.91 11.69 25.32
N GLY C 31 -22.15 11.75 26.63
CA GLY C 31 -22.01 12.99 27.38
C GLY C 31 -20.66 13.66 27.26
N LYS C 32 -19.62 12.83 27.11
CA LYS C 32 -18.26 13.29 26.90
C LYS C 32 -17.83 13.04 25.47
N ARG C 33 -18.77 13.10 24.54
CA ARG C 33 -18.47 12.75 23.14
C ARG C 33 -17.70 11.45 22.99
N ASN C 34 -17.93 10.50 23.89
CA ASN C 34 -17.20 9.20 23.78
C ASN C 34 -15.68 9.26 23.83
N ALA C 35 -15.12 10.19 24.62
CA ALA C 35 -13.68 10.18 24.88
C ALA C 35 -13.38 8.92 25.66
N PHE C 36 -12.29 8.26 25.32
CA PHE C 36 -11.93 7.00 25.97
C PHE C 36 -11.20 7.10 27.32
N ASP C 37 -11.93 6.99 28.42
CA ASP C 37 -11.28 6.87 29.73
C ASP C 37 -10.84 5.40 29.94
N SER C 38 -10.14 5.10 31.03
CA SER C 38 -9.71 3.72 31.24
C SER C 38 -10.90 2.75 31.32
N ALA C 39 -12.05 3.26 31.77
CA ALA C 39 -13.21 2.41 31.88
C ALA C 39 -13.69 1.99 30.50
N LEU C 41 -12.03 1.83 27.70
CA LEU C 41 -11.03 1.01 27.03
C LEU C 41 -11.19 -0.39 27.54
N ALA C 42 -11.21 -0.55 28.87
CA ALA C 42 -11.35 -1.89 29.43
C ALA C 42 -12.64 -2.56 28.96
N ASP C 43 -13.75 -1.82 29.00
CA ASP C 43 -15.03 -2.41 28.66
C ASP C 43 -15.08 -2.79 27.17
N LEU C 44 -14.66 -1.87 26.29
CA LEU C 44 -14.50 -2.22 24.86
C LEU C 44 -13.61 -3.47 24.63
N ALA C 45 -12.48 -3.51 25.32
CA ALA C 45 -11.62 -4.65 25.22
C ALA C 45 -12.34 -5.90 25.68
N LEU C 46 -13.07 -5.78 26.80
CA LEU C 46 -13.87 -6.91 27.31
C LEU C 46 -14.92 -7.39 26.30
N ALA C 47 -15.71 -6.46 25.78
CA ALA C 47 -16.78 -6.74 24.82
C ALA C 47 -16.24 -7.52 23.64
N GLY C 49 -13.53 -9.38 23.54
CA GLY C 49 -13.15 -10.72 23.92
C GLY C 49 -14.42 -11.54 23.97
N GLU C 50 -15.48 -10.95 24.50
CA GLU C 50 -16.76 -11.65 24.53
C GLU C 50 -17.23 -12.09 23.14
N TYR C 51 -16.99 -11.26 22.13
CA TYR C 51 -17.43 -11.57 20.78
C TYR C 51 -16.60 -12.73 20.21
N GLU C 52 -15.31 -12.72 20.56
CA GLU C 52 -14.35 -13.72 20.16
C GLU C 52 -14.76 -15.13 20.57
N ARG C 53 -15.45 -15.22 21.70
CA ARG C 53 -15.85 -16.49 22.30
C ARG C 53 -17.32 -16.84 22.04
N SER C 54 -18.08 -15.93 21.44
CA SER C 54 -19.48 -16.15 21.19
C SER C 54 -19.59 -16.96 19.90
N GLU C 55 -19.82 -18.27 20.00
CA GLU C 55 -19.87 -19.06 18.78
C GLU C 55 -21.04 -18.66 17.90
N GLU C 56 -22.14 -18.24 18.52
CA GLU C 56 -23.28 -17.62 17.82
C GLU C 56 -22.92 -16.40 16.92
N SER C 57 -21.98 -15.57 17.31
CA SER C 57 -21.64 -14.36 16.52
C SER C 57 -20.66 -14.55 15.37
N ARG C 58 -21.02 -14.05 14.19
N ARG C 58 -21.01 -14.05 14.19
CA ARG C 58 -20.20 -14.20 12.98
CA ARG C 58 -20.19 -14.20 13.00
C ARG C 58 -19.64 -12.87 12.47
C ARG C 58 -19.56 -12.88 12.56
N CYS C 59 -20.13 -11.78 13.01
CA CYS C 59 -19.58 -10.49 12.69
C CYS C 59 -19.97 -9.57 13.84
N ALA C 60 -19.04 -8.69 14.23
CA ALA C 60 -19.31 -7.66 15.23
C ALA C 60 -19.52 -6.35 14.50
N VAL C 61 -20.33 -5.47 15.08
CA VAL C 61 -20.55 -4.15 14.55
C VAL C 61 -20.32 -3.16 15.66
N LEU C 62 -19.39 -2.24 15.44
CA LEU C 62 -19.01 -1.22 16.41
C LEU C 62 -19.64 0.09 15.96
N PHE C 63 -20.46 0.69 16.83
CA PHE C 63 -21.04 1.97 16.47
C PHE C 63 -20.96 2.83 17.69
N ALA C 64 -21.37 4.08 17.53
CA ALA C 64 -21.40 4.93 18.70
C ALA C 64 -22.78 5.51 19.00
N HIS C 65 -23.09 5.53 20.29
CA HIS C 65 -24.32 6.13 20.78
C HIS C 65 -24.19 7.63 20.66
N GLY C 66 -25.32 8.32 20.41
CA GLY C 66 -25.32 9.76 20.32
C GLY C 66 -24.78 10.26 19.00
N GLU C 67 -24.30 11.50 18.97
CA GLU C 67 -23.96 12.15 17.72
C GLU C 67 -22.52 12.02 17.25
N HIS C 68 -21.65 11.54 18.12
CA HIS C 68 -20.21 11.62 17.81
C HIS C 68 -19.53 10.30 18.06
N PHE C 69 -18.76 9.84 17.08
CA PHE C 69 -18.08 8.57 17.23
C PHE C 69 -17.11 8.61 18.43
N THR C 70 -16.11 9.46 18.37
CA THR C 70 -15.25 9.67 19.53
C THR C 70 -14.39 10.93 19.44
N ALA C 71 -14.25 11.62 20.57
CA ALA C 71 -13.41 12.80 20.61
C ALA C 71 -11.99 12.41 20.99
N GLY C 72 -11.75 11.12 21.10
CA GLY C 72 -10.42 10.62 21.29
C GLY C 72 -10.14 10.06 22.66
N LEU C 73 -8.85 10.03 23.00
CA LEU C 73 -8.41 9.57 24.31
C LEU C 73 -8.76 10.63 25.30
N ASP C 74 -9.10 10.19 26.51
CA ASP C 74 -9.33 11.09 27.63
C ASP C 74 -8.01 11.09 28.37
N LEU C 75 -7.07 11.87 27.86
CA LEU C 75 -5.68 11.83 28.33
C LEU C 75 -5.51 12.32 29.77
N GLU C 77 -7.57 11.71 32.25
CA GLU C 77 -7.91 10.60 33.13
C GLU C 77 -6.96 9.41 32.95
N LEU C 78 -6.56 9.15 31.71
CA LEU C 78 -5.67 8.04 31.37
C LEU C 78 -4.19 8.32 31.69
N ALA C 79 -3.84 9.59 31.88
CA ALA C 79 -2.46 9.95 32.22
C ALA C 79 -1.83 8.95 33.20
N PRO C 80 -2.31 8.91 34.46
CA PRO C 80 -1.78 8.00 35.49
C PRO C 80 -1.92 6.50 35.19
N LYS C 81 -2.90 6.10 34.38
CA LYS C 81 -3.15 4.69 34.06
C LYS C 81 -1.98 3.99 33.35
N LEU C 82 -1.09 4.79 32.77
CA LEU C 82 0.19 4.30 32.24
C LEU C 82 1.28 4.58 33.29
N ALA C 83 1.27 3.76 34.34
CA ALA C 83 2.25 3.85 35.43
C ALA C 83 3.45 2.96 35.09
N PHE C 87 -0.29 0.43 29.55
CA PHE C 87 -1.68 0.03 29.82
C PHE C 87 -1.90 -1.48 29.74
N ARG C 88 -2.52 -2.03 30.78
CA ARG C 88 -2.82 -3.47 30.85
C ARG C 88 -4.31 -3.72 30.59
N TYR C 89 -4.61 -4.46 29.51
CA TYR C 89 -5.99 -4.83 29.22
C TYR C 89 -6.47 -5.92 30.19
N PRO C 90 -7.80 -6.02 30.37
CA PRO C 90 -8.31 -7.07 31.26
C PRO C 90 -7.99 -8.47 30.69
N ASP C 91 -7.98 -9.51 31.52
CA ASP C 91 -7.86 -10.89 31.00
C ASP C 91 -9.09 -11.24 30.16
N GLY C 92 -8.86 -11.86 29.01
CA GLY C 92 -9.95 -12.17 28.10
C GLY C 92 -10.48 -10.94 27.38
N GLY C 93 -9.68 -9.88 27.38
CA GLY C 93 -9.99 -8.72 26.57
C GLY C 93 -9.23 -8.83 25.27
N VAL C 94 -9.71 -8.16 24.25
CA VAL C 94 -8.94 -8.08 23.04
C VAL C 94 -8.66 -6.60 22.70
N ASP C 95 -7.41 -6.29 22.36
CA ASP C 95 -7.05 -4.90 22.09
C ASP C 95 -7.89 -4.32 20.95
N PRO C 96 -8.74 -3.35 21.28
CA PRO C 96 -9.51 -2.72 20.23
C PRO C 96 -8.65 -2.16 19.10
N TRP C 97 -7.53 -1.45 19.35
CA TRP C 97 -6.71 -1.03 18.22
C TRP C 97 -5.80 -2.13 17.66
N GLY C 98 -6.08 -3.38 18.00
CA GLY C 98 -5.32 -4.49 17.45
C GLY C 98 -3.83 -4.20 17.30
N VAL C 99 -3.21 -3.83 18.41
CA VAL C 99 -1.77 -3.65 18.43
C VAL C 99 -1.13 -4.72 19.30
N VAL C 100 -1.53 -4.81 20.56
CA VAL C 100 -1.02 -5.87 21.42
C VAL C 100 -1.66 -7.23 21.11
N GLN C 101 -1.12 -8.29 21.72
CA GLN C 101 -1.74 -9.61 21.61
C GLN C 101 -2.71 -9.79 22.76
N PRO C 102 -3.79 -10.57 22.55
CA PRO C 102 -4.05 -11.32 21.31
C PRO C 102 -4.84 -10.49 20.30
N ARG C 103 -4.65 -10.79 19.02
CA ARG C 103 -5.36 -10.12 17.95
C ARG C 103 -6.70 -10.82 17.71
N ARG C 104 -7.70 -10.04 17.29
CA ARG C 104 -9.01 -10.59 16.96
C ARG C 104 -8.88 -11.67 15.90
N SER C 105 -9.83 -12.60 15.86
CA SER C 105 -9.76 -13.64 14.85
C SER C 105 -11.04 -13.66 13.99
N LYS C 106 -11.98 -12.76 14.30
CA LYS C 106 -13.28 -12.64 13.59
C LYS C 106 -13.53 -11.26 12.97
N PRO C 107 -14.44 -11.17 11.99
CA PRO C 107 -14.60 -9.90 11.26
C PRO C 107 -15.23 -8.77 12.10
N LEU C 108 -14.92 -7.53 11.74
CA LEU C 108 -15.38 -6.38 12.48
C LEU C 108 -15.78 -5.27 11.52
N VAL C 109 -17.02 -4.81 11.65
CA VAL C 109 -17.49 -3.70 10.81
C VAL C 109 -17.63 -2.52 11.75
N VAL C 110 -17.36 -1.31 11.27
CA VAL C 110 -17.48 -0.16 12.15
C VAL C 110 -18.34 0.91 11.45
N ALA C 111 -19.23 1.57 12.18
CA ALA C 111 -20.00 2.71 11.65
C ALA C 111 -19.59 4.05 12.29
N VAL C 112 -19.27 5.06 11.51
CA VAL C 112 -18.85 6.30 12.17
C VAL C 112 -19.64 7.56 11.78
N GLN C 113 -19.80 8.46 12.76
CA GLN C 113 -20.56 9.68 12.57
C GLN C 113 -19.93 10.86 13.26
N GLY C 114 -20.12 12.04 12.68
CA GLY C 114 -19.74 13.30 13.32
C GLY C 114 -18.27 13.47 13.63
N THR C 115 -17.95 13.48 14.92
CA THR C 115 -16.58 13.69 15.37
C THR C 115 -15.83 12.37 15.52
N CYS C 116 -14.73 12.24 14.79
CA CYS C 116 -13.88 11.06 14.91
C CYS C 116 -12.41 11.44 15.01
N TRP C 117 -12.00 11.90 16.19
CA TRP C 117 -10.61 12.27 16.44
C TRP C 117 -9.75 11.04 16.67
N THR C 118 -8.45 11.17 16.43
CA THR C 118 -7.44 10.45 17.20
C THR C 118 -7.73 8.96 17.24
N ALA C 119 -8.08 8.46 18.43
CA ALA C 119 -8.20 7.02 18.64
C ALA C 119 -9.28 6.42 17.75
N GLY C 120 -10.06 7.29 17.11
CA GLY C 120 -11.25 6.87 16.40
C GLY C 120 -10.98 6.49 14.96
N ILE C 121 -10.09 7.25 14.31
CA ILE C 121 -9.37 6.77 13.14
C ILE C 121 -8.67 5.45 13.43
N GLU C 122 -8.11 5.32 14.64
CA GLU C 122 -7.50 4.08 15.07
C GLU C 122 -8.45 2.90 14.90
N LEU C 123 -9.67 3.05 15.41
CA LEU C 123 -10.61 1.95 15.51
C LEU C 123 -11.02 1.65 14.11
N LEU C 125 -9.51 2.06 11.21
CA LEU C 125 -8.56 1.39 10.30
C LEU C 125 -8.32 -0.04 10.70
N ASN C 126 -8.65 -0.36 11.96
CA ASN C 126 -8.52 -1.72 12.45
C ASN C 126 -9.75 -2.59 12.16
N ALA C 127 -10.67 -2.12 11.34
CA ALA C 127 -11.80 -2.97 11.01
C ALA C 127 -11.67 -3.49 9.59
N ASP C 128 -12.56 -4.40 9.21
CA ASP C 128 -12.65 -4.94 7.85
C ASP C 128 -13.58 -4.12 6.94
N ILE C 129 -14.57 -3.45 7.53
CA ILE C 129 -15.47 -2.54 6.80
C ILE C 129 -15.65 -1.30 7.66
N ALA C 130 -15.76 -0.13 7.03
CA ALA C 130 -16.01 1.09 7.72
C ALA C 130 -16.97 1.92 6.88
N VAL C 131 -18.09 2.33 7.49
CA VAL C 131 -19.07 3.21 6.86
C VAL C 131 -19.17 4.48 7.69
N ALA C 132 -19.23 5.63 7.02
CA ALA C 132 -19.28 6.90 7.73
C ALA C 132 -20.47 7.68 7.21
N ALA C 133 -21.18 8.37 8.10
CA ALA C 133 -22.14 9.36 7.65
C ALA C 133 -21.33 10.49 7.02
N ARG C 134 -21.78 11.03 5.89
CA ARG C 134 -21.11 12.15 5.29
C ARG C 134 -21.17 13.36 6.20
N GLY C 135 -20.09 14.12 6.27
CA GLY C 135 -20.00 15.17 7.26
C GLY C 135 -19.28 14.74 8.53
N THR C 136 -18.97 13.45 8.66
CA THR C 136 -18.05 13.01 9.68
C THR C 136 -16.70 13.77 9.51
N ARG C 137 -16.14 14.18 10.63
CA ARG C 137 -14.94 14.99 10.68
C ARG C 137 -13.83 14.18 11.31
N PHE C 138 -12.72 14.04 10.59
CA PHE C 138 -11.60 13.25 11.06
C PHE C 138 -10.36 14.10 11.25
N ALA C 139 -9.50 13.67 12.17
CA ALA C 139 -8.26 14.38 12.45
C ALA C 139 -7.35 13.57 13.38
N HIS C 140 -6.05 13.61 13.10
CA HIS C 140 -5.07 13.00 13.99
C HIS C 140 -4.47 14.03 14.89
N LEU C 141 -5.15 14.31 16.00
CA LEU C 141 -4.78 15.39 16.91
C LEU C 141 -3.56 15.11 17.79
N GLU C 142 -2.98 13.92 17.71
CA GLU C 142 -1.87 13.58 18.63
C GLU C 142 -0.73 14.61 18.58
N VAL C 143 -0.25 14.95 17.38
CA VAL C 143 0.84 15.92 17.25
C VAL C 143 0.53 17.31 17.80
N LEU C 144 -0.73 17.72 17.71
CA LEU C 144 -1.12 19.05 18.19
C LEU C 144 -1.23 19.02 19.70
N ARG C 145 -1.76 17.90 20.20
CA ARG C 145 -1.95 17.71 21.63
C ARG C 145 -0.62 17.51 22.36
N GLY C 146 0.36 16.93 21.67
CA GLY C 146 1.70 16.77 22.22
C GLY C 146 1.97 15.34 22.67
N ILE C 147 1.09 14.44 22.23
CA ILE C 147 1.07 13.03 22.61
C ILE C 147 1.52 12.15 21.42
N PRO C 148 2.04 10.94 21.71
CA PRO C 148 2.50 10.10 20.59
C PRO C 148 1.33 9.34 19.96
N PRO C 149 1.57 8.70 18.81
CA PRO C 149 0.59 7.88 18.06
C PRO C 149 0.05 6.70 18.89
N LEU C 150 -1.23 6.37 18.76
CA LEU C 150 -1.75 5.16 19.40
C LEU C 150 -1.03 3.87 18.96
N GLY C 151 -0.34 3.96 17.81
CA GLY C 151 0.44 2.87 17.22
C GLY C 151 -0.07 2.42 15.85
N GLY C 152 -1.33 1.98 15.81
CA GLY C 152 -1.85 1.28 14.65
C GLY C 152 -1.91 2.08 13.38
N SER C 153 -2.40 3.30 13.49
CA SER C 153 -2.64 4.12 12.31
C SER C 153 -1.31 4.51 11.67
N THR C 154 -0.32 4.68 12.52
CA THR C 154 1.03 4.95 12.09
C THR C 154 1.45 3.95 10.99
N VAL C 155 0.85 2.76 11.04
CA VAL C 155 1.06 1.71 10.05
C VAL C 155 -0.07 1.61 9.03
N ARG C 156 -1.30 1.62 9.51
CA ARG C 156 -2.40 1.33 8.62
C ARG C 156 -2.79 2.50 7.73
N PHE C 157 -2.61 3.72 8.22
CA PHE C 157 -2.88 4.91 7.40
C PHE C 157 -1.95 4.91 6.15
N PRO C 158 -0.60 4.80 6.33
CA PRO C 158 0.19 4.86 5.09
C PRO C 158 -0.19 3.71 4.14
N ARG C 159 -0.50 2.52 4.65
CA ARG C 159 -0.99 1.42 3.80
C ARG C 159 -2.22 1.74 2.94
N ALA C 160 -3.27 2.27 3.57
CA ALA C 160 -4.41 2.71 2.81
C ALA C 160 -4.09 3.98 1.95
N ALA C 161 -3.53 5.03 2.54
CA ALA C 161 -3.48 6.30 1.76
C ALA C 161 -2.27 6.46 0.91
N GLY C 162 -1.25 5.68 1.20
CA GLY C 162 0.07 5.91 0.60
C GLY C 162 0.78 6.86 1.56
N TRP C 163 2.10 6.91 1.48
CA TRP C 163 2.91 7.61 2.44
C TRP C 163 2.62 9.13 2.53
N THR C 164 2.74 9.83 1.40
CA THR C 164 2.57 11.27 1.43
C THR C 164 1.20 11.77 2.01
N ASP C 165 0.07 11.25 1.55
CA ASP C 165 -1.23 11.68 2.13
C ASP C 165 -1.38 11.33 3.59
N ALA C 166 -0.78 10.25 4.01
CA ALA C 166 -0.90 9.85 5.39
C ALA C 166 -0.08 10.80 6.26
N ARG C 168 0.75 13.83 5.48
CA ARG C 168 0.14 15.12 5.33
C ARG C 168 -0.82 15.34 6.47
N TYR C 169 -1.54 14.30 6.86
CA TYR C 169 -2.52 14.40 7.96
C TYR C 169 -1.97 14.10 9.33
N ILE C 170 -1.05 13.16 9.38
CA ILE C 170 -0.62 12.64 10.65
C ILE C 170 0.33 13.67 11.24
N LEU C 171 1.11 14.31 10.38
CA LEU C 171 2.17 15.20 10.88
C LEU C 171 1.67 16.63 11.14
N THR C 172 0.50 16.97 10.58
CA THR C 172 -0.11 18.31 10.74
C THR C 172 -1.25 18.31 11.75
N GLY C 173 -1.94 17.20 11.90
CA GLY C 173 -3.14 17.18 12.73
C GLY C 173 -4.34 17.82 12.05
N ASP C 174 -4.21 18.09 10.75
CA ASP C 174 -5.32 18.72 10.00
C ASP C 174 -6.53 17.81 9.86
N GLU C 175 -7.68 18.45 9.72
CA GLU C 175 -8.96 17.78 9.69
C GLU C 175 -9.33 17.44 8.25
N PHE C 176 -10.05 16.35 8.06
CA PHE C 176 -10.47 15.99 6.73
C PHE C 176 -11.83 15.37 6.84
N ASP C 177 -12.61 15.47 5.75
CA ASP C 177 -13.99 15.01 5.75
C ASP C 177 -14.12 13.57 5.27
N ALA C 178 -15.33 13.05 5.33
CA ALA C 178 -15.60 11.66 4.96
C ALA C 178 -15.24 11.36 3.49
N ASP C 179 -15.44 12.33 2.59
CA ASP C 179 -15.13 12.12 1.19
C ASP C 179 -13.62 11.99 0.95
N GLU C 180 -12.85 12.74 1.70
CA GLU C 180 -11.42 12.68 1.61
C GLU C 180 -10.97 11.37 2.24
N ALA C 181 -11.59 10.97 3.35
CA ALA C 181 -11.30 9.68 3.94
C ALA C 181 -11.58 8.55 2.96
N LEU C 182 -12.61 8.69 2.15
CA LEU C 182 -12.99 7.61 1.23
C LEU C 182 -11.96 7.54 0.10
N ARG C 183 -11.58 8.71 -0.41
CA ARG C 183 -10.58 8.78 -1.47
C ARG C 183 -9.26 8.13 -1.05
N ARG C 185 -9.04 5.66 1.09
CA ARG C 185 -9.28 4.22 1.30
C ARG C 185 -9.20 3.86 2.76
N LEU C 186 -9.63 4.79 3.61
CA LEU C 186 -9.88 4.54 5.01
C LEU C 186 -11.30 4.03 5.24
N LEU C 187 -12.19 4.29 4.28
CA LEU C 187 -13.62 4.00 4.42
C LEU C 187 -14.02 3.08 3.28
N THR C 188 -15.05 2.26 3.46
CA THR C 188 -15.60 1.44 2.38
C THR C 188 -16.66 2.24 1.68
N GLU C 189 -17.47 2.96 2.47
CA GLU C 189 -18.61 3.72 1.92
C GLU C 189 -18.94 4.98 2.73
N VAL C 190 -19.41 6.00 2.01
CA VAL C 190 -19.96 7.18 2.66
C VAL C 190 -21.43 7.26 2.31
N VAL C 191 -22.24 7.48 3.33
CA VAL C 191 -23.69 7.43 3.20
C VAL C 191 -24.25 8.63 3.87
N GLU C 192 -25.54 8.86 3.62
CA GLU C 192 -26.22 10.01 4.19
C GLU C 192 -26.35 9.94 5.72
N PRO C 193 -26.34 11.11 6.36
CA PRO C 193 -26.39 11.10 7.82
C PRO C 193 -27.63 10.38 8.24
N GLY C 194 -27.46 9.47 9.20
CA GLY C 194 -28.55 8.64 9.70
C GLY C 194 -28.52 7.25 9.12
N GLU C 195 -27.78 7.07 8.02
CA GLU C 195 -27.73 5.77 7.34
C GLU C 195 -26.57 4.86 7.77
N GLU C 196 -25.62 5.36 8.56
CA GLU C 196 -24.34 4.66 8.70
C GLU C 196 -24.52 3.33 9.41
N LEU C 197 -25.34 3.34 10.46
CA LEU C 197 -25.55 2.11 11.18
C LEU C 197 -26.35 1.08 10.35
N ALA C 198 -27.44 1.52 9.74
CA ALA C 198 -28.23 0.64 8.85
C ALA C 198 -27.32 0.03 7.77
N ARG C 199 -26.57 0.88 7.05
CA ARG C 199 -25.65 0.43 5.97
C ARG C 199 -24.59 -0.56 6.46
N ALA C 200 -24.04 -0.26 7.64
CA ALA C 200 -23.08 -1.14 8.29
C ALA C 200 -23.68 -2.53 8.61
N LEU C 201 -24.91 -2.60 9.14
CA LEU C 201 -25.57 -3.88 9.35
C LEU C 201 -25.74 -4.64 8.02
N GLU C 202 -26.08 -3.93 6.95
CA GLU C 202 -26.15 -4.63 5.66
C GLU C 202 -24.81 -5.33 5.35
N TYR C 203 -23.67 -4.67 5.56
CA TYR C 203 -22.38 -5.35 5.25
C TYR C 203 -22.12 -6.53 6.18
N ALA C 204 -22.40 -6.35 7.46
CA ALA C 204 -22.11 -7.34 8.48
C ALA C 204 -23.00 -8.53 8.25
N GLU C 205 -24.18 -8.26 7.74
CA GLU C 205 -25.17 -9.29 7.45
C GLU C 205 -24.63 -10.22 6.38
N ARG C 206 -24.10 -9.59 5.34
CA ARG C 206 -23.53 -10.25 4.19
C ARG C 206 -22.34 -11.12 4.58
N ILE C 207 -21.56 -10.62 5.53
CA ILE C 207 -20.41 -11.35 6.06
C ILE C 207 -20.84 -12.57 6.89
N ALA C 208 -21.99 -12.45 7.56
CA ALA C 208 -22.53 -13.53 8.41
C ALA C 208 -23.02 -14.78 7.63
N ARG C 209 -23.21 -14.64 6.33
CA ARG C 209 -23.60 -15.75 5.46
C ARG C 209 -22.41 -16.61 5.03
N ALA C 210 -21.24 -16.02 4.91
CA ALA C 210 -20.10 -16.84 4.53
C ALA C 210 -19.79 -17.86 5.62
N ALA C 211 -19.04 -18.88 5.26
CA ALA C 211 -18.73 -19.98 6.16
C ALA C 211 -17.76 -19.48 7.23
N PRO C 212 -18.16 -19.55 8.53
CA PRO C 212 -17.31 -18.96 9.57
C PRO C 212 -15.86 -19.50 9.61
N LEU C 213 -15.66 -20.80 9.37
CA LEU C 213 -14.29 -21.33 9.35
C LEU C 213 -13.43 -20.83 8.19
N ALA C 214 -14.07 -20.53 7.07
CA ALA C 214 -13.39 -19.97 5.90
C ALA C 214 -13.16 -18.46 6.07
N VAL C 215 -14.13 -17.79 6.69
CA VAL C 215 -13.99 -16.39 7.03
C VAL C 215 -12.82 -16.22 7.98
N ARG C 216 -12.72 -17.08 8.99
CA ARG C 216 -11.58 -17.04 9.91
C ARG C 216 -10.29 -17.23 9.14
N ALA C 217 -10.28 -18.25 8.28
CA ALA C 217 -9.10 -18.55 7.48
C ALA C 217 -8.60 -17.34 6.70
N ALA C 218 -9.47 -16.77 5.84
CA ALA C 218 -9.06 -15.59 5.06
C ALA C 218 -8.45 -14.50 5.93
N LEU C 219 -9.10 -14.19 7.05
CA LEU C 219 -8.56 -13.18 7.95
C LEU C 219 -7.12 -13.52 8.38
N GLN C 220 -6.92 -14.69 8.99
CA GLN C 220 -5.60 -15.06 9.50
C GLN C 220 -4.56 -14.97 8.37
N SER C 221 -4.96 -15.36 7.16
CA SER C 221 -4.09 -15.27 6.00
C SER C 221 -3.75 -13.82 5.62
N ALA C 222 -4.67 -12.90 5.85
CA ALA C 222 -4.40 -11.52 5.45
C ALA C 222 -3.58 -10.79 6.52
N PHE C 223 -3.84 -11.07 7.79
CA PHE C 223 -3.02 -10.48 8.86
C PHE C 223 -1.56 -10.91 8.75
N GLN C 224 -1.30 -12.21 8.79
CA GLN C 224 0.09 -12.69 8.75
C GLN C 224 0.82 -12.31 7.45
N GLY C 225 0.17 -12.53 6.31
CA GLY C 225 0.87 -12.52 5.04
C GLY C 225 1.88 -13.66 4.89
N ARG C 226 3.07 -13.31 4.40
CA ARG C 226 4.11 -14.27 4.04
C ARG C 226 5.51 -13.71 4.28
#